data_8FJQ
#
_entry.id   8FJQ
#
_cell.length_a   77.632
_cell.length_b   92.405
_cell.length_c   97.259
_cell.angle_alpha   90.00
_cell.angle_beta   90.00
_cell.angle_gamma   90.00
#
_symmetry.space_group_name_H-M   'P 21 21 21'
#
loop_
_entity.id
_entity.type
_entity.pdbx_description
1 polymer 'Dyp-type peroxidase'
2 non-polymer 'PROTOPORPHYRIN IX CONTAINING FE'
3 water water
#
_entity_poly.entity_id   1
_entity_poly.type   'polypeptide(L)'
_entity_poly.pdbx_seq_one_letter_code
;MHHHHHHSTSVDLGTENLYFQSNAEERAAGARPSATQTTGTATEPFHGPHQAGIATPPQAHAVFLGLDLRKGTGRKELGR
LMRLLTDDARRLTQGRPALADPEPDLAPLPSRLTFTFGFGPGLFKAAGLEKQRPEGLRPLPPFKVDRLEDRWSGGDLLVQ
ICCDDPITLAHALRMTVKDARAFTRVRWVQRGFRRSPGVQSSGATQRNLMGQLDGTVNPVPGTADFDQAVWVQDGPEWLR
GGTTLVLRRIRMELEKWDEADPAGKEFAVGRRLTSGAPLTGRHEHDGPDFDAVDSAGFPVIAENAHIRLAHVDSPRLRML
RRPYNYDEGLTADGRSDAGLLFAAYQADIDRQFIPVQRRLDEGGDLLNLWTTPIGSAVFAIPPGCDENGWIGQGLLG
;
_entity_poly.pdbx_strand_id   A,B
#
loop_
_chem_comp.id
_chem_comp.type
_chem_comp.name
_chem_comp.formula
HEM non-polymer 'PROTOPORPHYRIN IX CONTAINING FE' 'C34 H32 Fe N4 O4'
#
# COMPACT_ATOMS: atom_id res chain seq x y z
N THR A 38 15.97 4.31 -14.39
CA THR A 38 15.17 4.45 -13.19
C THR A 38 14.22 5.65 -13.27
N THR A 39 13.08 5.53 -12.58
CA THR A 39 11.97 6.46 -12.73
C THR A 39 11.75 7.36 -11.52
N GLY A 40 12.56 7.21 -10.46
CA GLY A 40 12.35 8.02 -9.28
C GLY A 40 12.51 9.50 -9.52
N THR A 41 13.28 9.89 -10.53
CA THR A 41 13.55 11.30 -10.75
C THR A 41 12.48 11.99 -11.58
N ALA A 42 11.57 11.23 -12.17
CA ALA A 42 10.55 11.82 -13.02
C ALA A 42 9.60 12.70 -12.21
N THR A 43 9.17 13.82 -12.79
CA THR A 43 8.23 14.71 -12.13
C THR A 43 7.08 15.06 -13.06
N GLU A 44 5.99 15.57 -12.46
CA GLU A 44 4.88 16.18 -13.14
C GLU A 44 4.83 17.67 -12.80
N PRO A 45 4.57 18.55 -13.77
CA PRO A 45 4.56 19.99 -13.46
C PRO A 45 3.49 20.32 -12.43
N PHE A 46 3.86 21.15 -11.46
CA PHE A 46 2.89 21.60 -10.46
C PHE A 46 2.12 22.81 -10.94
N HIS A 47 2.79 23.76 -11.58
CA HIS A 47 2.15 24.97 -12.09
C HIS A 47 1.47 24.69 -13.42
N GLY A 48 0.41 25.43 -13.67
CA GLY A 48 -0.29 25.37 -14.93
C GLY A 48 -1.68 25.93 -14.82
N PRO A 49 -2.41 25.98 -15.94
CA PRO A 49 -3.81 26.42 -15.88
C PRO A 49 -4.70 25.48 -15.09
N HIS A 50 -4.32 24.21 -15.00
CA HIS A 50 -5.05 23.21 -14.25
C HIS A 50 -4.16 22.64 -13.17
N GLN A 51 -4.79 22.14 -12.11
CA GLN A 51 -4.04 21.34 -11.15
C GLN A 51 -3.67 20.00 -11.78
N ALA A 52 -2.50 19.49 -11.39
CA ALA A 52 -2.10 18.15 -11.77
C ALA A 52 -2.96 17.12 -11.04
N GLY A 53 -2.86 15.86 -11.45
CA GLY A 53 -3.57 14.80 -10.76
C GLY A 53 -4.94 14.48 -11.31
N ILE A 54 -5.31 15.06 -12.44
CA ILE A 54 -6.64 14.89 -13.04
C ILE A 54 -6.44 14.34 -14.44
N ALA A 55 -5.87 15.15 -15.33
CA ALA A 55 -5.44 14.69 -16.64
C ALA A 55 -4.14 13.88 -16.57
N THR A 56 -3.41 13.97 -15.47
CA THR A 56 -2.21 13.16 -15.28
C THR A 56 -2.56 11.67 -15.36
N PRO A 57 -1.86 10.90 -16.21
CA PRO A 57 -2.08 9.45 -16.23
C PRO A 57 -1.93 8.87 -14.83
N PRO A 58 -2.90 8.09 -14.36
CA PRO A 58 -2.93 7.76 -12.93
C PRO A 58 -1.68 7.02 -12.46
N GLN A 59 -1.12 7.51 -11.38
CA GLN A 59 0.08 6.94 -10.78
C GLN A 59 -0.28 5.68 -9.98
N ALA A 60 0.74 4.94 -9.57
CA ALA A 60 0.51 3.65 -8.90
C ALA A 60 -0.16 3.76 -7.54
N HIS A 61 -0.04 4.89 -6.85
CA HIS A 61 -0.53 5.00 -5.49
C HIS A 61 -1.24 6.32 -5.27
N ALA A 62 -2.25 6.31 -4.39
CA ALA A 62 -2.98 7.53 -4.06
C ALA A 62 -3.36 7.53 -2.60
N VAL A 63 -3.42 8.73 -2.02
CA VAL A 63 -4.10 8.95 -0.75
C VAL A 63 -5.07 10.09 -0.94
N PHE A 64 -6.31 9.88 -0.56
CA PHE A 64 -7.30 10.95 -0.50
C PHE A 64 -7.44 11.32 0.97
N LEU A 65 -7.00 12.53 1.32
CA LEU A 65 -7.06 13.02 2.68
C LEU A 65 -8.24 13.97 2.81
N GLY A 66 -9.22 13.62 3.65
CA GLY A 66 -10.39 14.44 3.85
C GLY A 66 -10.32 15.18 5.15
N LEU A 67 -10.40 16.51 5.10
CA LEU A 67 -10.19 17.34 6.28
C LEU A 67 -11.43 18.14 6.63
N ASP A 68 -11.68 18.27 7.95
CA ASP A 68 -12.72 19.14 8.47
C ASP A 68 -12.08 20.37 9.10
N LEU A 69 -12.69 21.53 8.89
CA LEU A 69 -12.14 22.77 9.44
C LEU A 69 -12.41 22.85 10.93
N ARG A 70 -11.41 23.33 11.67
CA ARG A 70 -11.61 23.63 13.08
C ARG A 70 -12.48 24.87 13.24
N LYS A 71 -12.99 25.06 14.48
CA LYS A 71 -14.00 26.09 14.73
C LYS A 71 -13.52 27.48 14.34
N GLY A 72 -12.27 27.81 14.63
CA GLY A 72 -11.79 29.16 14.36
C GLY A 72 -11.26 29.41 12.97
N THR A 73 -11.45 28.47 12.04
CA THR A 73 -10.82 28.53 10.72
C THR A 73 -11.77 29.19 9.73
N GLY A 74 -11.59 30.50 9.54
CA GLY A 74 -12.35 31.28 8.59
C GLY A 74 -11.55 31.57 7.32
N ARG A 75 -12.00 32.60 6.60
CA ARG A 75 -11.38 32.91 5.31
C ARG A 75 -9.90 33.26 5.46
N LYS A 76 -9.55 34.04 6.49
CA LYS A 76 -8.15 34.41 6.71
C LYS A 76 -7.29 33.18 6.94
N GLU A 77 -7.74 32.29 7.83
CA GLU A 77 -6.99 31.07 8.12
C GLU A 77 -6.90 30.17 6.89
N LEU A 78 -7.99 30.07 6.14
CA LEU A 78 -7.98 29.24 4.93
C LEU A 78 -6.94 29.73 3.94
N GLY A 79 -6.74 31.04 3.84
CA GLY A 79 -5.68 31.55 2.99
C GLY A 79 -4.30 31.18 3.49
N ARG A 80 -4.07 31.31 4.80
CA ARG A 80 -2.78 30.93 5.35
C ARG A 80 -2.50 29.45 5.12
N LEU A 81 -3.53 28.61 5.28
CA LEU A 81 -3.39 27.18 5.05
C LEU A 81 -3.07 26.88 3.60
N MET A 82 -3.81 27.50 2.67
CA MET A 82 -3.59 27.18 1.27
C MET A 82 -2.24 27.70 0.78
N ARG A 83 -1.76 28.81 1.32
CA ARG A 83 -0.41 29.23 0.92
C ARG A 83 0.64 28.25 1.41
N LEU A 84 0.49 27.74 2.65
CA LEU A 84 1.40 26.73 3.16
C LEU A 84 1.38 25.49 2.28
N LEU A 85 0.19 24.97 1.98
CA LEU A 85 0.06 23.72 1.23
C LEU A 85 0.51 23.88 -0.21
N THR A 86 0.26 25.05 -0.80
CA THR A 86 0.74 25.32 -2.15
C THR A 86 2.25 25.25 -2.24
N ASP A 87 2.93 25.91 -1.30
CA ASP A 87 4.38 25.89 -1.36
C ASP A 87 4.95 24.51 -1.05
N ASP A 88 4.34 23.78 -0.11
CA ASP A 88 4.74 22.39 0.13
C ASP A 88 4.70 21.59 -1.16
N ALA A 89 3.60 21.71 -1.90
CA ALA A 89 3.45 20.93 -3.12
C ALA A 89 4.40 21.42 -4.19
N ARG A 90 4.56 22.73 -4.30
CA ARG A 90 5.45 23.30 -5.29
C ARG A 90 6.85 22.74 -5.15
N ARG A 91 7.32 22.55 -3.92
CA ARG A 91 8.66 22.02 -3.69
C ARG A 91 8.69 20.50 -3.79
N LEU A 92 7.81 19.80 -3.06
CA LEU A 92 7.90 18.34 -3.02
C LEU A 92 7.70 17.71 -4.38
N THR A 93 6.81 18.27 -5.21
CA THR A 93 6.56 17.64 -6.50
C THR A 93 7.78 17.71 -7.42
N GLN A 94 8.70 18.64 -7.16
CA GLN A 94 9.90 18.75 -7.95
C GLN A 94 11.12 18.17 -7.26
N GLY A 95 10.90 17.37 -6.21
CA GLY A 95 11.99 16.68 -5.55
C GLY A 95 12.75 17.52 -4.56
N ARG A 96 12.18 18.66 -4.13
CA ARG A 96 12.83 19.52 -3.14
C ARG A 96 12.10 19.43 -1.82
N PRO A 97 12.83 19.56 -0.70
CA PRO A 97 12.18 19.52 0.61
C PRO A 97 11.23 20.70 0.80
N ALA A 98 10.13 20.42 1.50
CA ALA A 98 9.23 21.50 1.89
C ALA A 98 9.91 22.41 2.90
N LEU A 99 9.40 23.63 3.02
CA LEU A 99 9.83 24.49 4.11
C LEU A 99 9.46 23.83 5.43
N ALA A 100 10.43 23.78 6.37
CA ALA A 100 10.26 23.09 7.64
C ALA A 100 10.03 21.59 7.44
N ASP A 101 10.60 21.02 6.39
CA ASP A 101 10.45 19.57 6.14
C ASP A 101 11.04 18.78 7.30
N PRO A 102 10.27 17.88 7.93
CA PRO A 102 10.87 17.07 9.00
C PRO A 102 11.86 16.04 8.49
N GLU A 103 11.71 15.55 7.26
CA GLU A 103 12.53 14.48 6.73
C GLU A 103 12.93 14.80 5.31
N PRO A 104 13.82 15.78 5.13
CA PRO A 104 14.16 16.24 3.77
C PRO A 104 14.69 15.14 2.87
N ASP A 105 15.37 14.14 3.43
CA ASP A 105 15.98 13.12 2.59
C ASP A 105 14.95 12.22 1.92
N LEU A 106 13.68 12.32 2.33
CA LEU A 106 12.62 11.56 1.69
C LEU A 106 11.94 12.33 0.56
N ALA A 107 12.40 13.53 0.25
CA ALA A 107 11.76 14.37 -0.77
C ALA A 107 12.39 14.15 -2.15
N PRO A 108 13.68 13.81 -2.26
CA PRO A 108 14.18 13.35 -3.56
C PRO A 108 13.49 12.05 -3.95
N LEU A 109 13.54 11.75 -5.23
CA LEU A 109 12.78 10.70 -5.90
C LEU A 109 11.28 11.00 -5.88
N PRO A 110 10.88 12.12 -6.48
CA PRO A 110 9.46 12.52 -6.45
C PRO A 110 8.55 11.56 -7.18
N SER A 111 9.05 10.80 -8.16
CA SER A 111 8.28 9.71 -8.75
C SER A 111 6.89 10.16 -9.20
N ARG A 112 6.84 11.29 -9.92
CA ARG A 112 5.60 11.82 -10.47
C ARG A 112 4.57 12.16 -9.39
N LEU A 113 5.02 12.60 -8.22
CA LEU A 113 4.13 13.11 -7.19
C LEU A 113 3.26 14.24 -7.73
N THR A 114 1.94 14.17 -7.44
CA THR A 114 0.99 15.25 -7.70
C THR A 114 0.13 15.51 -6.46
N PHE A 115 -0.25 16.78 -6.31
CA PHE A 115 -1.25 17.23 -5.34
C PHE A 115 -2.44 17.82 -6.09
N THR A 116 -3.64 17.46 -5.66
CA THR A 116 -4.87 18.07 -6.17
C THR A 116 -5.67 18.49 -4.95
N PHE A 117 -5.98 19.78 -4.85
CA PHE A 117 -6.75 20.28 -3.71
C PHE A 117 -8.19 20.53 -4.09
N GLY A 118 -9.11 20.17 -3.20
CA GLY A 118 -10.53 20.33 -3.45
C GLY A 118 -11.23 20.94 -2.26
N PHE A 119 -12.25 21.74 -2.54
CA PHE A 119 -13.02 22.45 -1.53
C PHE A 119 -14.42 21.83 -1.43
N GLY A 120 -14.79 21.41 -0.23
CA GLY A 120 -16.12 20.88 0.00
C GLY A 120 -17.13 21.96 0.29
N PRO A 121 -18.40 21.56 0.39
CA PRO A 121 -19.46 22.54 0.67
C PRO A 121 -19.23 23.31 1.96
N GLY A 122 -18.67 22.69 2.99
CA GLY A 122 -18.47 23.39 4.25
C GLY A 122 -17.37 24.44 4.19
N LEU A 123 -16.42 24.29 3.26
CA LEU A 123 -15.38 25.30 3.07
C LEU A 123 -16.00 26.65 2.74
N PHE A 124 -16.97 26.67 1.83
CA PHE A 124 -17.60 27.93 1.43
C PHE A 124 -18.36 28.56 2.58
N LYS A 125 -18.99 27.74 3.42
CA LYS A 125 -19.65 28.26 4.61
C LYS A 125 -18.65 28.94 5.55
N ALA A 126 -17.57 28.24 5.90
CA ALA A 126 -16.59 28.79 6.83
C ALA A 126 -15.93 30.04 6.29
N ALA A 127 -15.70 30.10 4.97
CA ALA A 127 -15.08 31.26 4.35
C ALA A 127 -16.03 32.41 4.11
N GLY A 128 -17.33 32.21 4.32
CA GLY A 128 -18.27 33.27 4.02
C GLY A 128 -18.46 33.51 2.55
N LEU A 129 -18.37 32.46 1.74
CA LEU A 129 -18.36 32.57 0.28
C LEU A 129 -19.45 31.70 -0.31
N GLU A 130 -20.61 31.68 0.33
CA GLU A 130 -21.71 30.88 -0.18
C GLU A 130 -22.11 31.33 -1.59
N LYS A 131 -21.99 32.62 -1.88
CA LYS A 131 -22.28 33.12 -3.23
C LYS A 131 -21.41 32.45 -4.29
N GLN A 132 -20.23 31.99 -3.92
CA GLN A 132 -19.27 31.41 -4.85
C GLN A 132 -19.39 29.90 -4.97
N ARG A 133 -20.26 29.28 -4.21
CA ARG A 133 -20.34 27.84 -4.25
C ARG A 133 -21.13 27.41 -5.49
N PRO A 134 -20.60 26.52 -6.32
CA PRO A 134 -21.36 26.03 -7.46
C PRO A 134 -22.65 25.38 -6.97
N GLU A 135 -23.74 25.65 -7.70
CA GLU A 135 -25.05 25.16 -7.30
C GLU A 135 -25.05 23.66 -7.07
N GLY A 136 -24.37 22.91 -7.93
CA GLY A 136 -24.30 21.47 -7.80
C GLY A 136 -23.35 20.94 -6.75
N LEU A 137 -22.60 21.80 -6.05
CA LEU A 137 -21.68 21.33 -5.02
C LEU A 137 -22.44 21.17 -3.71
N ARG A 138 -23.03 19.99 -3.53
CA ARG A 138 -23.77 19.64 -2.33
C ARG A 138 -23.75 18.13 -2.21
N PRO A 139 -23.96 17.58 -1.02
CA PRO A 139 -23.97 16.12 -0.88
C PRO A 139 -24.94 15.51 -1.89
N LEU A 140 -24.55 14.35 -2.42
CA LEU A 140 -25.35 13.70 -3.44
C LEU A 140 -26.70 13.27 -2.86
N PRO A 141 -27.74 13.17 -3.68
CA PRO A 141 -29.02 12.68 -3.18
C PRO A 141 -28.91 11.23 -2.77
N PRO A 142 -29.84 10.73 -1.97
CA PRO A 142 -29.76 9.33 -1.54
C PRO A 142 -30.14 8.39 -2.67
N PHE A 143 -29.46 7.25 -2.71
CA PHE A 143 -29.78 6.18 -3.65
C PHE A 143 -30.07 4.91 -2.87
N LYS A 144 -30.94 4.06 -3.43
CA LYS A 144 -31.39 2.88 -2.69
C LYS A 144 -30.24 1.95 -2.31
N VAL A 145 -29.18 1.90 -3.13
CA VAL A 145 -28.05 1.01 -2.86
C VAL A 145 -27.16 1.52 -1.73
N ASP A 146 -27.27 2.80 -1.37
CA ASP A 146 -26.36 3.43 -0.41
C ASP A 146 -26.38 2.71 0.93
N ARG A 147 -25.18 2.50 1.48
CA ARG A 147 -24.96 2.10 2.86
C ARG A 147 -23.86 2.99 3.43
N LEU A 148 -24.10 4.30 3.35
CA LEU A 148 -23.02 5.26 3.57
C LEU A 148 -22.69 5.38 5.05
N GLU A 149 -21.40 5.55 5.34
CA GLU A 149 -20.91 5.74 6.69
C GLU A 149 -20.32 7.15 6.81
N ASP A 150 -20.63 7.83 7.92
CA ASP A 150 -20.06 9.16 8.14
C ASP A 150 -18.55 9.15 8.09
N ARG A 151 -17.91 8.06 8.53
CA ARG A 151 -16.45 8.07 8.59
C ARG A 151 -15.80 7.97 7.21
N TRP A 152 -16.56 7.79 6.14
CA TRP A 152 -16.01 7.81 4.78
C TRP A 152 -16.68 8.84 3.90
N SER A 153 -17.45 9.76 4.48
CA SER A 153 -18.25 10.70 3.72
C SER A 153 -17.89 12.14 4.05
N GLY A 154 -18.36 13.05 3.21
CA GLY A 154 -18.21 14.47 3.53
C GLY A 154 -16.76 14.94 3.52
N GLY A 155 -16.53 16.03 4.24
CA GLY A 155 -15.22 16.66 4.30
C GLY A 155 -15.25 18.07 3.74
N ASP A 156 -14.53 18.99 4.39
CA ASP A 156 -14.45 20.40 3.98
C ASP A 156 -13.31 20.66 3.01
N LEU A 157 -12.20 19.93 3.14
CA LEU A 157 -11.02 20.16 2.33
C LEU A 157 -10.44 18.82 1.93
N LEU A 158 -10.18 18.64 0.64
CA LEU A 158 -9.57 17.43 0.12
C LEU A 158 -8.13 17.72 -0.29
N VAL A 159 -7.21 16.86 0.15
CA VAL A 159 -5.86 16.82 -0.44
C VAL A 159 -5.72 15.45 -1.07
N GLN A 160 -5.75 15.42 -2.38
CA GLN A 160 -5.50 14.21 -3.15
C GLN A 160 -4.02 14.15 -3.54
N ILE A 161 -3.32 13.12 -3.06
CA ILE A 161 -1.88 12.99 -3.30
C ILE A 161 -1.67 11.69 -4.04
N CYS A 162 -1.10 11.76 -5.24
CA CYS A 162 -0.83 10.58 -6.05
C CYS A 162 0.65 10.48 -6.32
N CYS A 163 1.15 9.25 -6.46
CA CYS A 163 2.59 9.10 -6.62
C CYS A 163 2.88 7.71 -7.15
N ASP A 164 3.97 7.56 -7.91
CA ASP A 164 4.36 6.21 -8.31
C ASP A 164 5.08 5.45 -7.21
N ASP A 165 5.52 6.13 -6.14
CA ASP A 165 6.28 5.50 -5.07
C ASP A 165 5.59 5.71 -3.72
N PRO A 166 5.40 4.65 -2.92
CA PRO A 166 4.71 4.81 -1.63
C PRO A 166 5.54 5.47 -0.53
N ILE A 167 6.88 5.48 -0.60
CA ILE A 167 7.64 6.20 0.42
C ILE A 167 7.51 7.70 0.18
N THR A 168 7.69 8.11 -1.07
CA THR A 168 7.49 9.53 -1.39
C THR A 168 6.10 9.97 -1.00
N LEU A 169 5.10 9.13 -1.26
CA LEU A 169 3.73 9.44 -0.90
C LEU A 169 3.54 9.55 0.61
N ALA A 170 4.15 8.64 1.36
CA ALA A 170 4.02 8.70 2.82
C ALA A 170 4.63 9.98 3.36
N HIS A 171 5.77 10.39 2.82
CA HIS A 171 6.40 11.64 3.24
C HIS A 171 5.54 12.84 2.86
N ALA A 172 4.96 12.85 1.66
CA ALA A 172 4.12 13.97 1.25
C ALA A 172 2.89 14.08 2.14
N LEU A 173 2.32 12.94 2.53
CA LEU A 173 1.19 12.95 3.46
C LEU A 173 1.61 13.51 4.83
N ARG A 174 2.76 13.10 5.32
CA ARG A 174 3.24 13.63 6.61
C ARG A 174 3.38 15.15 6.58
N MET A 175 3.96 15.70 5.50
CA MET A 175 4.14 17.14 5.41
C MET A 175 2.79 17.88 5.32
N THR A 176 1.85 17.32 4.56
CA THR A 176 0.52 17.90 4.44
C THR A 176 -0.12 18.04 5.82
N VAL A 177 -0.11 16.94 6.59
CA VAL A 177 -0.75 16.95 7.90
C VAL A 177 -0.02 17.88 8.86
N LYS A 178 1.32 17.93 8.76
CA LYS A 178 2.06 18.86 9.62
C LYS A 178 1.57 20.28 9.45
N ASP A 179 1.37 20.71 8.20
CA ASP A 179 0.95 22.08 7.97
C ASP A 179 -0.55 22.28 8.09
N ALA A 180 -1.35 21.23 8.00
CA ALA A 180 -2.80 21.40 8.11
C ALA A 180 -3.31 21.22 9.53
N ARG A 181 -2.50 20.67 10.44
CA ARG A 181 -2.94 20.29 11.77
C ARG A 181 -3.52 21.46 12.54
N ALA A 182 -2.92 22.65 12.40
CA ALA A 182 -3.38 23.80 13.18
C ALA A 182 -4.78 24.24 12.79
N PHE A 183 -5.21 23.94 11.57
CA PHE A 183 -6.45 24.49 11.02
C PHE A 183 -7.56 23.47 10.88
N THR A 184 -7.24 22.18 10.91
CA THR A 184 -8.19 21.15 10.49
C THR A 184 -8.03 19.90 11.35
N ARG A 185 -9.05 19.07 11.30
CA ARG A 185 -9.02 17.70 11.81
C ARG A 185 -9.12 16.73 10.65
N VAL A 186 -8.45 15.59 10.78
CA VAL A 186 -8.54 14.52 9.77
C VAL A 186 -9.88 13.83 9.93
N ARG A 187 -10.70 13.91 8.88
CA ARG A 187 -11.97 13.19 8.88
C ARG A 187 -11.80 11.77 8.36
N TRP A 188 -11.04 11.60 7.30
CA TRP A 188 -10.75 10.26 6.80
C TRP A 188 -9.49 10.33 5.96
N VAL A 189 -8.86 9.18 5.85
CA VAL A 189 -7.74 9.02 4.92
C VAL A 189 -8.03 7.74 4.14
N GLN A 190 -8.05 7.85 2.81
CA GLN A 190 -8.43 6.72 1.96
C GLN A 190 -7.27 6.42 1.02
N ARG A 191 -6.61 5.30 1.27
CA ARG A 191 -5.43 4.90 0.51
C ARG A 191 -5.82 3.90 -0.56
N GLY A 192 -5.24 4.06 -1.74
CA GLY A 192 -5.53 3.14 -2.83
C GLY A 192 -4.32 2.92 -3.71
N PHE A 193 -4.43 1.90 -4.58
CA PHE A 193 -3.32 1.51 -5.43
C PHE A 193 -3.82 1.02 -6.78
N ARG A 194 -2.93 1.11 -7.76
CA ARG A 194 -3.09 0.54 -9.09
C ARG A 194 -1.88 -0.36 -9.33
N ARG A 195 -1.58 -0.72 -10.58
CA ARG A 195 -0.36 -1.50 -10.82
C ARG A 195 0.90 -0.67 -10.54
N SER A 196 1.96 -1.37 -10.10
CA SER A 196 3.23 -0.70 -9.91
C SER A 196 3.73 -0.12 -11.24
N PRO A 197 4.57 0.90 -11.19
CA PRO A 197 5.12 1.45 -12.43
C PRO A 197 5.92 0.38 -13.16
N GLY A 198 5.70 0.30 -14.48
CA GLY A 198 6.39 -0.64 -15.33
C GLY A 198 5.76 -2.01 -15.45
N VAL A 199 4.73 -2.31 -14.65
CA VAL A 199 4.12 -3.64 -14.71
C VAL A 199 3.28 -3.78 -15.97
N GLN A 200 2.62 -2.69 -16.40
CA GLN A 200 1.92 -2.63 -17.67
C GLN A 200 2.32 -1.36 -18.43
N SER A 201 2.22 -1.43 -19.75
CA SER A 201 2.59 -0.28 -20.57
C SER A 201 1.66 0.90 -20.32
N SER A 202 2.19 2.09 -20.53
CA SER A 202 1.43 3.31 -20.26
C SER A 202 0.17 3.35 -21.09
N GLY A 203 -0.95 3.65 -20.46
CA GLY A 203 -2.22 3.75 -21.13
C GLY A 203 -3.01 2.47 -21.21
N ALA A 204 -2.39 1.31 -21.00
CA ALA A 204 -3.14 0.06 -21.06
C ALA A 204 -4.14 0.00 -19.91
N THR A 205 -5.33 -0.53 -20.18
CA THR A 205 -6.33 -0.65 -19.14
C THR A 205 -5.87 -1.67 -18.10
N GLN A 206 -6.08 -1.34 -16.84
CA GLN A 206 -5.72 -2.21 -15.72
C GLN A 206 -6.97 -2.79 -15.10
N ARG A 207 -6.77 -3.89 -14.37
CA ARG A 207 -7.89 -4.58 -13.72
C ARG A 207 -8.11 -4.09 -12.30
N ASN A 208 -9.36 -4.26 -11.84
CA ASN A 208 -9.70 -4.01 -10.45
C ASN A 208 -9.67 -5.33 -9.68
N LEU A 209 -10.04 -5.28 -8.40
CA LEU A 209 -9.89 -6.44 -7.53
C LEU A 209 -10.98 -7.49 -7.75
N MET A 210 -11.98 -7.20 -8.59
CA MET A 210 -12.90 -8.23 -9.08
C MET A 210 -12.39 -8.89 -10.34
N GLY A 211 -11.19 -8.51 -10.80
CA GLY A 211 -10.59 -9.07 -11.99
C GLY A 211 -11.01 -8.44 -13.29
N GLN A 212 -11.79 -7.36 -13.25
CA GLN A 212 -12.34 -6.76 -14.46
C GLN A 212 -11.41 -5.68 -14.97
N LEU A 213 -11.23 -5.61 -16.30
CA LEU A 213 -10.63 -4.41 -16.88
C LEU A 213 -11.51 -3.21 -16.58
N ASP A 214 -10.92 -2.15 -16.03
CA ASP A 214 -11.68 -1.03 -15.48
C ASP A 214 -11.06 0.25 -16.02
N GLY A 215 -11.75 0.91 -16.96
CA GLY A 215 -11.26 2.18 -17.49
C GLY A 215 -11.31 2.31 -19.00
N THR A 216 -11.98 1.37 -19.68
CA THR A 216 -11.96 1.33 -21.14
C THR A 216 -12.58 2.58 -21.75
N VAL A 217 -13.73 3.01 -21.24
CA VAL A 217 -14.45 4.14 -21.81
C VAL A 217 -14.21 5.35 -20.92
N ASN A 218 -13.45 6.32 -21.43
CA ASN A 218 -13.07 7.49 -20.65
C ASN A 218 -12.71 8.59 -21.62
N PRO A 219 -12.97 9.85 -21.29
CA PRO A 219 -12.38 10.96 -22.05
C PRO A 219 -10.86 10.90 -22.01
N VAL A 220 -10.23 11.38 -23.08
CA VAL A 220 -8.80 11.22 -23.30
C VAL A 220 -8.12 12.59 -23.23
N PRO A 221 -7.14 12.79 -22.34
CA PRO A 221 -6.45 14.10 -22.30
C PRO A 221 -5.81 14.40 -23.64
N GLY A 222 -5.84 15.68 -24.01
CA GLY A 222 -5.31 16.11 -25.30
C GLY A 222 -6.33 16.16 -26.41
N THR A 223 -7.62 16.05 -26.09
CA THR A 223 -8.69 16.16 -27.06
C THR A 223 -9.67 17.23 -26.62
N ALA A 224 -10.36 17.83 -27.59
CA ALA A 224 -11.34 18.86 -27.28
C ALA A 224 -12.50 18.31 -26.47
N ASP A 225 -12.81 17.02 -26.64
CA ASP A 225 -13.90 16.42 -25.86
C ASP A 225 -13.53 16.32 -24.39
N PHE A 226 -12.26 15.99 -24.09
CA PHE A 226 -11.83 15.93 -22.70
C PHE A 226 -12.02 17.28 -22.02
N ASP A 227 -11.52 18.34 -22.66
CA ASP A 227 -11.64 19.67 -22.07
C ASP A 227 -13.09 20.01 -21.79
N GLN A 228 -13.99 19.67 -22.71
CA GLN A 228 -15.39 20.00 -22.52
C GLN A 228 -16.01 19.21 -21.37
N ALA A 229 -15.60 17.94 -21.21
CA ALA A 229 -16.18 17.09 -20.18
C ALA A 229 -15.67 17.44 -18.78
N VAL A 230 -14.43 17.90 -18.66
CA VAL A 230 -13.73 17.93 -17.37
C VAL A 230 -13.60 19.35 -16.83
N TRP A 231 -13.19 20.30 -17.67
CA TRP A 231 -12.82 21.63 -17.17
C TRP A 231 -14.04 22.56 -17.16
N VAL A 232 -14.24 23.24 -16.03
CA VAL A 232 -15.40 24.10 -15.86
C VAL A 232 -15.24 25.35 -16.71
N GLN A 233 -16.31 25.74 -17.39
CA GLN A 233 -16.32 26.97 -18.17
C GLN A 233 -17.56 27.81 -17.92
N ASP A 234 -18.48 27.35 -17.08
CA ASP A 234 -19.62 28.15 -16.66
C ASP A 234 -19.55 28.40 -15.16
N GLY A 235 -20.67 28.79 -14.55
CA GLY A 235 -20.74 28.95 -13.11
C GLY A 235 -19.82 30.04 -12.60
N PRO A 236 -19.54 30.01 -11.29
CA PRO A 236 -18.72 31.07 -10.68
C PRO A 236 -17.35 31.20 -11.34
N GLU A 237 -16.89 32.44 -11.45
CA GLU A 237 -15.71 32.74 -12.25
C GLU A 237 -14.45 32.05 -11.71
N TRP A 238 -14.30 31.99 -10.38
CA TRP A 238 -13.07 31.46 -9.81
C TRP A 238 -12.84 29.99 -10.19
N LEU A 239 -13.89 29.26 -10.55
CA LEU A 239 -13.76 27.82 -10.80
C LEU A 239 -13.40 27.49 -12.24
N ARG A 240 -13.43 28.47 -13.14
CA ARG A 240 -13.11 28.19 -14.54
C ARG A 240 -11.68 27.67 -14.66
N GLY A 241 -11.53 26.56 -15.38
CA GLY A 241 -10.26 25.85 -15.44
C GLY A 241 -10.08 24.82 -14.35
N GLY A 242 -10.99 24.77 -13.38
CA GLY A 242 -11.03 23.70 -12.40
C GLY A 242 -12.03 22.64 -12.80
N THR A 243 -12.42 21.83 -11.83
CA THR A 243 -13.34 20.73 -12.09
C THR A 243 -14.06 20.39 -10.78
N THR A 244 -14.90 19.36 -10.83
CA THR A 244 -15.53 18.86 -9.62
C THR A 244 -15.21 17.37 -9.48
N LEU A 245 -15.19 16.91 -8.24
CA LEU A 245 -14.86 15.51 -7.95
C LEU A 245 -15.98 14.91 -7.16
N VAL A 246 -16.42 13.71 -7.55
CA VAL A 246 -17.24 12.86 -6.71
C VAL A 246 -16.37 11.69 -6.28
N LEU A 247 -16.23 11.49 -4.97
CA LEU A 247 -15.39 10.42 -4.42
C LEU A 247 -16.30 9.47 -3.66
N ARG A 248 -16.44 8.24 -4.16
CA ARG A 248 -17.29 7.26 -3.51
C ARG A 248 -16.47 6.02 -3.16
N ARG A 249 -16.49 5.65 -1.89
CA ARG A 249 -15.83 4.43 -1.44
C ARG A 249 -16.82 3.30 -1.65
N ILE A 250 -16.49 2.35 -2.50
CA ILE A 250 -17.42 1.30 -2.85
C ILE A 250 -16.82 -0.05 -2.49
N ARG A 251 -17.47 -0.74 -1.55
CA ARG A 251 -17.04 -2.05 -1.10
C ARG A 251 -17.39 -3.12 -2.13
N MET A 252 -16.47 -4.04 -2.36
CA MET A 252 -16.71 -5.21 -3.20
C MET A 252 -17.00 -6.40 -2.32
N GLU A 253 -18.11 -7.08 -2.59
CA GLU A 253 -18.51 -8.24 -1.81
C GLU A 253 -17.83 -9.47 -2.42
N LEU A 254 -16.52 -9.58 -2.15
CA LEU A 254 -15.74 -10.58 -2.87
C LEU A 254 -16.09 -12.01 -2.45
N GLU A 255 -16.67 -12.20 -1.26
CA GLU A 255 -17.25 -13.49 -0.88
C GLU A 255 -18.31 -13.91 -1.87
N LYS A 256 -19.36 -13.09 -2.00
CA LYS A 256 -20.44 -13.39 -2.94
C LYS A 256 -19.91 -13.49 -4.36
N TRP A 257 -18.95 -12.63 -4.71
CA TRP A 257 -18.46 -12.58 -6.08
C TRP A 257 -17.81 -13.90 -6.48
N ASP A 258 -17.03 -14.51 -5.58
CA ASP A 258 -16.39 -15.78 -5.89
C ASP A 258 -17.42 -16.88 -6.10
N GLU A 259 -18.55 -16.82 -5.40
CA GLU A 259 -19.58 -17.84 -5.57
C GLU A 259 -20.35 -17.66 -6.87
N ALA A 260 -20.22 -16.49 -7.50
CA ALA A 260 -21.07 -16.14 -8.62
C ALA A 260 -20.75 -16.99 -9.84
N ASP A 261 -21.79 -17.27 -10.61
CA ASP A 261 -21.63 -17.92 -11.90
C ASP A 261 -20.71 -17.10 -12.79
N PRO A 262 -19.66 -17.69 -13.37
CA PRO A 262 -18.72 -16.90 -14.19
C PRO A 262 -19.38 -16.28 -15.42
N ALA A 263 -20.29 -16.99 -16.08
CA ALA A 263 -21.05 -16.37 -17.16
C ALA A 263 -21.93 -15.24 -16.62
N GLY A 264 -22.48 -15.44 -15.42
CA GLY A 264 -23.29 -14.39 -14.82
C GLY A 264 -22.51 -13.15 -14.50
N LYS A 265 -21.22 -13.29 -14.17
CA LYS A 265 -20.39 -12.12 -13.85
C LYS A 265 -20.18 -11.26 -15.07
N GLU A 266 -19.95 -11.88 -16.23
CA GLU A 266 -19.82 -11.13 -17.47
C GLU A 266 -21.14 -10.49 -17.87
N PHE A 267 -22.24 -11.21 -17.67
CA PHE A 267 -23.56 -10.70 -18.04
C PHE A 267 -23.92 -9.48 -17.21
N ALA A 268 -23.46 -9.44 -15.96
CA ALA A 268 -23.79 -8.32 -15.09
C ALA A 268 -23.15 -7.03 -15.56
N VAL A 269 -21.95 -7.11 -16.14
CA VAL A 269 -21.23 -5.95 -16.64
C VAL A 269 -21.63 -5.65 -18.07
N GLY A 270 -21.69 -6.67 -18.91
CA GLY A 270 -21.86 -6.54 -20.34
C GLY A 270 -20.57 -6.70 -21.13
N ARG A 271 -19.48 -7.05 -20.46
CA ARG A 271 -18.20 -7.33 -21.12
C ARG A 271 -17.58 -8.62 -20.57
N ARG A 272 -16.76 -9.25 -21.40
CA ARG A 272 -16.05 -10.46 -21.01
C ARG A 272 -14.88 -10.15 -20.08
N LEU A 273 -14.57 -11.11 -19.20
CA LEU A 273 -13.56 -10.86 -18.18
C LEU A 273 -12.16 -10.79 -18.78
N THR A 274 -11.79 -11.78 -19.60
CA THR A 274 -10.39 -11.85 -20.03
C THR A 274 -10.07 -10.78 -21.06
N SER A 275 -10.89 -10.68 -22.11
CA SER A 275 -10.61 -9.76 -23.19
C SER A 275 -11.09 -8.35 -22.91
N GLY A 276 -12.07 -8.18 -22.02
CA GLY A 276 -12.70 -6.89 -21.85
C GLY A 276 -13.62 -6.47 -22.98
N ALA A 277 -13.85 -7.34 -23.97
CA ALA A 277 -14.71 -6.98 -25.09
C ALA A 277 -16.17 -6.94 -24.65
N PRO A 278 -16.98 -6.06 -25.24
CA PRO A 278 -18.43 -6.15 -25.00
C PRO A 278 -18.93 -7.50 -25.47
N LEU A 279 -20.03 -7.96 -24.86
CA LEU A 279 -20.55 -9.27 -25.23
C LEU A 279 -20.98 -9.34 -26.68
N THR A 280 -21.21 -8.19 -27.32
CA THR A 280 -21.55 -8.10 -28.74
C THR A 280 -20.33 -8.07 -29.66
N GLY A 281 -19.11 -8.04 -29.12
CA GLY A 281 -17.93 -7.86 -29.95
C GLY A 281 -16.79 -8.82 -29.64
N ARG A 282 -15.57 -8.46 -30.05
CA ARG A 282 -14.43 -9.37 -29.95
C ARG A 282 -13.21 -8.75 -29.28
N HIS A 283 -13.05 -7.42 -29.39
CA HIS A 283 -11.90 -6.73 -28.79
C HIS A 283 -12.37 -5.71 -27.75
N GLU A 284 -11.46 -5.42 -26.80
CA GLU A 284 -11.78 -4.53 -25.69
C GLU A 284 -12.42 -3.23 -26.17
N HIS A 285 -11.90 -2.66 -27.25
CA HIS A 285 -12.31 -1.33 -27.67
C HIS A 285 -13.36 -1.35 -28.78
N ASP A 286 -13.97 -2.51 -29.06
CA ASP A 286 -15.15 -2.49 -29.90
C ASP A 286 -16.28 -1.75 -29.20
N GLY A 287 -17.12 -1.08 -29.98
CA GLY A 287 -18.23 -0.36 -29.41
C GLY A 287 -19.34 -1.32 -29.03
N PRO A 288 -19.83 -1.23 -27.79
CA PRO A 288 -20.94 -2.10 -27.39
C PRO A 288 -22.17 -1.82 -28.25
N ASP A 289 -22.82 -2.88 -28.71
CA ASP A 289 -24.00 -2.75 -29.58
C ASP A 289 -25.22 -3.00 -28.72
N PHE A 290 -25.82 -1.92 -28.23
CA PHE A 290 -26.95 -2.03 -27.32
C PHE A 290 -28.25 -2.40 -28.01
N ASP A 291 -28.26 -2.51 -29.34
CA ASP A 291 -29.41 -2.98 -30.09
C ASP A 291 -29.36 -4.47 -30.40
N ALA A 292 -28.25 -5.13 -30.08
CA ALA A 292 -28.09 -6.53 -30.44
C ALA A 292 -28.98 -7.41 -29.56
N VAL A 293 -29.58 -8.42 -30.18
CA VAL A 293 -30.35 -9.43 -29.47
C VAL A 293 -29.77 -10.80 -29.80
N ASP A 294 -30.12 -11.79 -28.96
CA ASP A 294 -29.62 -13.14 -29.15
C ASP A 294 -30.59 -13.98 -29.97
N SER A 295 -30.26 -15.26 -30.16
CA SER A 295 -31.09 -16.11 -31.00
C SER A 295 -32.48 -16.35 -30.42
N ALA A 296 -32.73 -15.92 -29.18
CA ALA A 296 -34.06 -16.00 -28.59
C ALA A 296 -34.77 -14.65 -28.57
N GLY A 297 -34.11 -13.57 -28.99
CA GLY A 297 -34.74 -12.27 -29.05
C GLY A 297 -34.48 -11.36 -27.87
N PHE A 298 -33.66 -11.78 -26.91
CA PHE A 298 -33.38 -10.96 -25.75
C PHE A 298 -32.05 -10.23 -25.92
N PRO A 299 -31.92 -9.02 -25.35
CA PRO A 299 -30.70 -8.23 -25.54
C PRO A 299 -29.44 -9.01 -25.18
N VAL A 300 -28.42 -8.87 -26.01
CA VAL A 300 -27.13 -9.50 -25.71
C VAL A 300 -26.52 -8.87 -24.47
N ILE A 301 -26.48 -7.55 -24.43
CA ILE A 301 -26.12 -6.79 -23.22
C ILE A 301 -27.41 -6.51 -22.46
N ALA A 302 -27.48 -6.96 -21.21
CA ALA A 302 -28.75 -6.97 -20.49
C ALA A 302 -29.33 -5.57 -20.36
N GLU A 303 -30.66 -5.49 -20.24
CA GLU A 303 -31.26 -4.18 -20.03
C GLU A 303 -30.81 -3.55 -18.71
N ASN A 304 -30.33 -4.35 -17.76
CA ASN A 304 -29.77 -3.83 -16.52
C ASN A 304 -28.28 -4.18 -16.37
N ALA A 305 -27.58 -4.35 -17.50
CA ALA A 305 -26.14 -4.50 -17.44
C ALA A 305 -25.49 -3.18 -17.06
N HIS A 306 -24.40 -3.27 -16.31
CA HIS A 306 -23.72 -2.06 -15.83
C HIS A 306 -23.42 -1.10 -16.97
N ILE A 307 -22.81 -1.58 -18.05
CA ILE A 307 -22.36 -0.63 -19.06
C ILE A 307 -23.53 -0.07 -19.87
N ARG A 308 -24.67 -0.77 -19.93
CA ARG A 308 -25.83 -0.17 -20.59
C ARG A 308 -26.40 0.97 -19.76
N LEU A 309 -26.57 0.75 -18.45
CA LEU A 309 -27.13 1.79 -17.60
C LEU A 309 -26.16 2.95 -17.43
N ALA A 310 -24.85 2.69 -17.45
CA ALA A 310 -23.86 3.73 -17.22
C ALA A 310 -23.54 4.55 -18.48
N HIS A 311 -23.89 4.03 -19.66
CA HIS A 311 -23.45 4.64 -20.91
C HIS A 311 -24.13 5.98 -21.16
N VAL A 312 -23.37 6.93 -21.71
CA VAL A 312 -23.95 8.16 -22.24
C VAL A 312 -23.46 8.34 -23.68
N ASP A 313 -24.39 8.70 -24.57
CA ASP A 313 -24.09 8.81 -26.00
C ASP A 313 -23.07 9.90 -26.28
N SER A 314 -23.28 11.09 -25.70
CA SER A 314 -22.52 12.27 -26.03
C SER A 314 -21.17 12.28 -25.32
N PRO A 315 -20.06 12.15 -26.05
CA PRO A 315 -18.74 12.11 -25.39
C PRO A 315 -18.48 13.29 -24.47
N ARG A 316 -19.04 14.46 -24.78
CA ARG A 316 -18.77 15.64 -23.97
C ARG A 316 -19.51 15.63 -22.64
N LEU A 317 -20.46 14.72 -22.44
CA LEU A 317 -21.14 14.55 -21.16
C LEU A 317 -20.54 13.45 -20.29
N ARG A 318 -19.51 12.77 -20.77
CA ARG A 318 -18.91 11.69 -20.00
C ARG A 318 -18.16 12.24 -18.79
N MET A 319 -18.11 11.43 -17.74
CA MET A 319 -17.27 11.72 -16.58
C MET A 319 -15.91 11.06 -16.77
N LEU A 320 -14.88 11.67 -16.18
CA LEU A 320 -13.55 11.08 -16.17
C LEU A 320 -13.44 10.18 -14.94
N ARG A 321 -13.34 8.88 -15.16
CA ARG A 321 -13.15 7.95 -14.04
C ARG A 321 -11.66 7.73 -13.83
N ARG A 322 -11.20 7.93 -12.60
CA ARG A 322 -9.78 7.80 -12.27
C ARG A 322 -9.65 7.05 -10.94
N PRO A 323 -10.09 5.79 -10.91
CA PRO A 323 -10.25 5.10 -9.63
C PRO A 323 -8.96 4.44 -9.15
N TYR A 324 -8.95 4.14 -7.85
CA TYR A 324 -7.89 3.36 -7.23
C TYR A 324 -8.53 2.18 -6.51
N ASN A 325 -7.73 1.13 -6.29
CA ASN A 325 -8.21 -0.06 -5.61
C ASN A 325 -7.84 0.03 -4.14
N TYR A 326 -8.66 -0.55 -3.26
CA TYR A 326 -8.24 -0.63 -1.87
C TYR A 326 -8.41 -2.04 -1.34
N ASP A 327 -7.55 -2.41 -0.40
CA ASP A 327 -7.54 -3.74 0.22
C ASP A 327 -6.99 -3.58 1.63
N GLU A 328 -7.80 -3.92 2.65
CA GLU A 328 -7.51 -3.54 4.05
C GLU A 328 -7.89 -4.63 5.04
N GLY A 329 -7.07 -5.66 5.14
CA GLY A 329 -7.23 -6.52 6.31
C GLY A 329 -8.41 -7.48 6.32
N LEU A 330 -8.36 -8.39 7.28
CA LEU A 330 -9.07 -9.65 7.20
C LEU A 330 -9.71 -9.96 8.53
N THR A 331 -10.93 -10.49 8.47
CA THR A 331 -11.57 -10.97 9.69
C THR A 331 -10.94 -12.29 10.11
N ALA A 332 -11.26 -12.73 11.33
CA ALA A 332 -10.70 -13.99 11.81
C ALA A 332 -11.08 -15.16 10.92
N ASP A 333 -12.32 -15.17 10.40
CA ASP A 333 -12.77 -16.25 9.54
C ASP A 333 -12.40 -16.03 8.08
N GLY A 334 -11.58 -15.02 7.78
CA GLY A 334 -10.98 -14.91 6.47
C GLY A 334 -11.71 -14.07 5.46
N ARG A 335 -12.53 -13.11 5.90
CA ARG A 335 -13.28 -12.28 4.97
C ARG A 335 -12.53 -11.00 4.68
N SER A 336 -12.41 -10.66 3.38
CA SER A 336 -11.66 -9.49 2.94
C SER A 336 -12.45 -8.21 3.14
N ASP A 337 -11.71 -7.09 3.15
CA ASP A 337 -12.25 -5.73 3.25
C ASP A 337 -11.60 -4.98 2.09
N ALA A 338 -12.21 -5.04 0.91
CA ALA A 338 -11.59 -4.52 -0.30
C ALA A 338 -12.64 -3.88 -1.19
N GLY A 339 -12.16 -3.05 -2.10
CA GLY A 339 -13.10 -2.42 -3.02
C GLY A 339 -12.43 -1.39 -3.92
N LEU A 340 -13.22 -0.38 -4.26
CA LEU A 340 -12.83 0.63 -5.24
C LEU A 340 -12.96 2.01 -4.62
N LEU A 341 -11.93 2.84 -4.78
CA LEU A 341 -12.05 4.27 -4.51
C LEU A 341 -12.48 4.90 -5.82
N PHE A 342 -13.78 5.14 -5.98
CA PHE A 342 -14.34 5.61 -7.24
C PHE A 342 -14.24 7.13 -7.28
N ALA A 343 -13.37 7.64 -8.14
CA ALA A 343 -13.10 9.07 -8.28
C ALA A 343 -13.56 9.49 -9.66
N ALA A 344 -14.58 10.33 -9.74
CA ALA A 344 -15.13 10.81 -11.00
C ALA A 344 -14.99 12.33 -11.07
N TYR A 345 -14.33 12.81 -12.13
CA TYR A 345 -14.13 14.24 -12.36
C TYR A 345 -15.00 14.68 -13.54
N GLN A 346 -15.63 15.84 -13.39
CA GLN A 346 -16.55 16.33 -14.41
C GLN A 346 -16.76 17.82 -14.20
N ALA A 347 -17.11 18.52 -15.29
CA ALA A 347 -17.38 19.95 -15.17
C ALA A 347 -18.64 20.22 -14.37
N ASP A 348 -19.63 19.31 -14.39
CA ASP A 348 -20.94 19.58 -13.79
C ASP A 348 -21.50 18.30 -13.19
N ILE A 349 -21.59 18.27 -11.85
CA ILE A 349 -22.08 17.07 -11.17
C ILE A 349 -23.52 16.77 -11.54
N ASP A 350 -24.37 17.81 -11.60
CA ASP A 350 -25.79 17.62 -11.89
C ASP A 350 -26.02 17.07 -13.30
N ARG A 351 -25.18 17.44 -14.26
CA ARG A 351 -25.38 17.03 -15.64
C ARG A 351 -24.63 15.76 -16.01
N GLN A 352 -23.55 15.42 -15.31
CA GLN A 352 -22.66 14.36 -15.74
C GLN A 352 -22.49 13.22 -14.76
N PHE A 353 -22.71 13.42 -13.47
CA PHE A 353 -22.62 12.31 -12.54
C PHE A 353 -23.97 11.82 -12.08
N ILE A 354 -24.79 12.74 -11.53
CA ILE A 354 -26.08 12.31 -10.97
C ILE A 354 -26.95 11.57 -11.95
N PRO A 355 -27.09 11.97 -13.22
CA PRO A 355 -27.96 11.18 -14.12
C PRO A 355 -27.50 9.74 -14.29
N VAL A 356 -26.19 9.50 -14.30
CA VAL A 356 -25.69 8.13 -14.47
C VAL A 356 -25.95 7.32 -13.21
N GLN A 357 -25.61 7.88 -12.05
CA GLN A 357 -25.83 7.16 -10.79
C GLN A 357 -27.30 6.85 -10.58
N ARG A 358 -28.18 7.77 -10.99
CA ARG A 358 -29.61 7.53 -10.84
C ARG A 358 -30.06 6.39 -11.73
N ARG A 359 -29.49 6.27 -12.93
CA ARG A 359 -29.88 5.16 -13.81
C ARG A 359 -29.38 3.82 -13.29
N LEU A 360 -28.16 3.79 -12.75
CA LEU A 360 -27.66 2.57 -12.13
C LEU A 360 -28.57 2.12 -11.00
N ASP A 361 -29.07 3.08 -10.22
CA ASP A 361 -29.90 2.76 -9.07
C ASP A 361 -31.32 2.39 -9.49
N GLU A 362 -31.98 3.27 -10.25
CA GLU A 362 -33.37 3.02 -10.62
C GLU A 362 -33.50 1.89 -11.62
N GLY A 363 -32.48 1.67 -12.46
CA GLY A 363 -32.49 0.57 -13.40
C GLY A 363 -32.13 -0.77 -12.81
N GLY A 364 -31.65 -0.80 -11.57
CA GLY A 364 -31.33 -2.04 -10.90
C GLY A 364 -30.13 -2.73 -11.52
N ASP A 365 -29.03 -1.99 -11.67
CA ASP A 365 -27.75 -2.48 -12.13
C ASP A 365 -27.44 -3.83 -11.53
N LEU A 366 -27.19 -4.82 -12.39
CA LEU A 366 -26.84 -6.15 -11.90
C LEU A 366 -25.60 -6.12 -11.02
N LEU A 367 -24.65 -5.22 -11.30
CA LEU A 367 -23.44 -5.12 -10.50
C LEU A 367 -23.71 -4.74 -9.06
N ASN A 368 -24.90 -4.17 -8.77
CA ASN A 368 -25.26 -3.83 -7.40
C ASN A 368 -25.35 -5.06 -6.49
N LEU A 369 -25.50 -6.26 -7.06
CA LEU A 369 -25.52 -7.45 -6.22
C LEU A 369 -24.22 -7.66 -5.47
N TRP A 370 -23.12 -7.10 -5.96
CA TRP A 370 -21.79 -7.40 -5.44
C TRP A 370 -21.00 -6.16 -5.05
N THR A 371 -21.59 -4.98 -5.11
CA THR A 371 -20.90 -3.75 -4.77
C THR A 371 -21.82 -2.90 -3.89
N THR A 372 -21.21 -2.13 -2.98
CA THR A 372 -21.99 -1.38 -2.01
C THR A 372 -21.33 -0.04 -1.71
N PRO A 373 -21.97 1.09 -2.00
CA PRO A 373 -21.35 2.37 -1.63
C PRO A 373 -21.37 2.55 -0.11
N ILE A 374 -20.20 2.84 0.47
CA ILE A 374 -20.10 3.05 1.90
C ILE A 374 -19.52 4.41 2.25
N GLY A 375 -19.14 5.21 1.26
CA GLY A 375 -18.70 6.57 1.53
C GLY A 375 -18.98 7.44 0.33
N SER A 376 -19.25 8.73 0.58
CA SER A 376 -19.53 9.64 -0.51
C SER A 376 -19.10 11.06 -0.13
N ALA A 377 -18.36 11.72 -1.02
CA ALA A 377 -17.94 13.10 -0.78
C ALA A 377 -17.88 13.82 -2.11
N VAL A 378 -18.05 15.14 -2.09
CA VAL A 378 -18.00 15.95 -3.31
C VAL A 378 -17.12 17.17 -3.06
N PHE A 379 -16.34 17.55 -4.07
CA PHE A 379 -15.41 18.67 -3.93
C PHE A 379 -15.35 19.49 -5.20
N ALA A 380 -15.14 20.79 -5.03
CA ALA A 380 -14.84 21.69 -6.13
C ALA A 380 -13.33 21.86 -6.20
N ILE A 381 -12.74 21.57 -7.36
CA ILE A 381 -11.28 21.57 -7.52
C ILE A 381 -10.88 22.85 -8.25
N PRO A 382 -10.17 23.78 -7.62
CA PRO A 382 -9.84 25.08 -8.25
C PRO A 382 -8.91 24.90 -9.44
N PRO A 383 -8.78 25.92 -10.28
CA PRO A 383 -7.76 25.90 -11.34
C PRO A 383 -6.35 25.93 -10.78
N GLY A 384 -5.35 25.78 -11.64
CA GLY A 384 -3.97 25.80 -11.20
C GLY A 384 -3.47 27.19 -10.89
N CYS A 385 -2.18 27.27 -10.55
CA CYS A 385 -1.54 28.54 -10.26
C CYS A 385 -0.15 28.57 -10.86
N ASP A 386 0.51 29.72 -10.75
CA ASP A 386 1.88 29.84 -11.23
C ASP A 386 2.80 30.13 -10.04
N GLU A 387 4.07 30.47 -10.35
CA GLU A 387 5.03 30.72 -9.28
C GLU A 387 4.56 31.81 -8.32
N ASN A 388 3.80 32.78 -8.81
CA ASN A 388 3.37 33.91 -8.02
C ASN A 388 1.88 33.83 -7.74
N GLY A 389 1.44 32.65 -7.35
CA GLY A 389 0.05 32.45 -6.98
C GLY A 389 -0.02 31.30 -6.01
N TRP A 390 -1.23 31.03 -5.55
CA TRP A 390 -1.47 29.88 -4.69
C TRP A 390 -2.84 29.30 -5.01
N ILE A 391 -2.99 28.00 -4.72
CA ILE A 391 -4.21 27.29 -5.08
C ILE A 391 -5.38 27.81 -4.26
N GLY A 392 -6.45 28.19 -4.95
CA GLY A 392 -7.60 28.82 -4.32
C GLY A 392 -7.52 30.32 -4.18
N GLN A 393 -6.47 30.96 -4.71
CA GLN A 393 -6.30 32.40 -4.51
C GLN A 393 -7.46 33.19 -5.11
N GLY A 394 -7.99 32.74 -6.25
CA GLY A 394 -9.05 33.47 -6.89
C GLY A 394 -10.36 33.41 -6.14
N LEU A 395 -10.52 32.44 -5.25
CA LEU A 395 -11.68 32.33 -4.38
C LEU A 395 -11.46 33.03 -3.06
N LEU A 396 -10.34 32.74 -2.39
CA LEU A 396 -10.12 33.09 -1.00
C LEU A 396 -9.36 34.40 -0.80
N GLY A 397 -8.52 34.78 -1.75
CA GLY A 397 -7.74 36.01 -1.63
C GLY A 397 -8.53 37.31 -1.58
N GLN B 37 11.39 -9.07 -21.26
CA GLN B 37 10.90 -9.20 -19.90
C GLN B 37 10.66 -7.83 -19.26
N THR B 38 9.54 -7.70 -18.53
CA THR B 38 9.18 -6.47 -17.86
C THR B 38 9.13 -6.67 -16.36
N THR B 39 8.83 -5.58 -15.65
CA THR B 39 8.61 -5.65 -14.21
C THR B 39 7.45 -6.58 -13.87
N GLY B 40 6.46 -6.66 -14.77
CA GLY B 40 5.31 -7.50 -14.51
C GLY B 40 5.51 -8.96 -14.86
N THR B 41 6.33 -9.26 -15.88
CA THR B 41 6.47 -10.65 -16.28
C THR B 41 7.63 -11.35 -15.59
N ALA B 42 8.50 -10.61 -14.91
CA ALA B 42 9.61 -11.21 -14.19
C ALA B 42 9.10 -12.16 -13.12
N THR B 43 9.81 -13.26 -12.94
CA THR B 43 9.50 -14.25 -11.92
C THR B 43 10.73 -14.54 -11.07
N GLU B 44 10.47 -15.08 -9.88
CA GLU B 44 11.44 -15.70 -9.01
C GLU B 44 11.15 -17.19 -8.91
N PRO B 45 12.18 -18.05 -8.99
CA PRO B 45 11.91 -19.50 -8.90
C PRO B 45 11.25 -19.85 -7.57
N PHE B 46 10.27 -20.74 -7.65
CA PHE B 46 9.63 -21.22 -6.42
C PHE B 46 10.38 -22.40 -5.82
N HIS B 47 10.87 -23.29 -6.68
CA HIS B 47 11.62 -24.47 -6.25
C HIS B 47 13.07 -24.12 -5.98
N GLY B 48 13.68 -24.88 -5.07
CA GLY B 48 15.07 -24.71 -4.72
C GLY B 48 15.37 -25.39 -3.40
N PRO B 49 16.67 -25.46 -3.05
CA PRO B 49 17.03 -25.96 -1.71
C PRO B 49 16.48 -25.09 -0.59
N HIS B 50 16.24 -23.80 -0.86
CA HIS B 50 15.68 -22.88 0.11
C HIS B 50 14.37 -22.32 -0.42
N GLN B 51 13.51 -21.88 0.51
CA GLN B 51 12.35 -21.11 0.09
C GLN B 51 12.79 -19.75 -0.42
N ALA B 52 12.09 -19.26 -1.45
CA ALA B 52 12.32 -17.89 -1.90
C ALA B 52 11.84 -16.90 -0.84
N GLY B 53 12.11 -15.61 -1.07
CA GLY B 53 11.68 -14.56 -0.17
C GLY B 53 12.60 -14.26 0.99
N ILE B 54 13.80 -14.84 1.01
CA ILE B 54 14.76 -14.64 2.10
C ILE B 54 16.03 -14.05 1.48
N ALA B 55 16.72 -14.85 0.67
CA ALA B 55 17.83 -14.31 -0.12
C ALA B 55 17.37 -13.51 -1.32
N THR B 56 16.10 -13.63 -1.72
CA THR B 56 15.53 -12.81 -2.78
C THR B 56 15.69 -11.33 -2.44
N PRO B 57 16.32 -10.51 -3.29
CA PRO B 57 16.34 -9.06 -3.06
C PRO B 57 14.93 -8.56 -2.79
N PRO B 58 14.72 -7.84 -1.69
CA PRO B 58 13.34 -7.57 -1.27
C PRO B 58 12.54 -6.81 -2.33
N GLN B 59 11.34 -7.31 -2.58
CA GLN B 59 10.45 -6.72 -3.56
C GLN B 59 9.78 -5.49 -2.95
N ALA B 60 8.98 -4.79 -3.77
CA ALA B 60 8.40 -3.51 -3.37
C ALA B 60 7.31 -3.63 -2.31
N HIS B 61 6.62 -4.76 -2.23
CA HIS B 61 5.49 -4.93 -1.32
C HIS B 61 5.56 -6.26 -0.61
N ALA B 62 4.99 -6.29 0.59
CA ALA B 62 4.94 -7.52 1.35
C ALA B 62 3.68 -7.58 2.18
N VAL B 63 3.20 -8.79 2.41
CA VAL B 63 2.19 -9.01 3.42
C VAL B 63 2.62 -10.21 4.25
N PHE B 64 2.60 -10.04 5.56
CA PHE B 64 2.86 -11.12 6.50
C PHE B 64 1.51 -11.53 7.07
N LEU B 65 1.09 -12.75 6.73
CA LEU B 65 -0.19 -13.29 7.16
C LEU B 65 0.05 -14.26 8.31
N GLY B 66 -0.49 -13.95 9.49
CA GLY B 66 -0.32 -14.73 10.68
C GLY B 66 -1.58 -15.51 10.99
N LEU B 67 -1.47 -16.82 11.07
CA LEU B 67 -2.62 -17.72 11.21
C LEU B 67 -2.53 -18.54 12.48
N ASP B 68 -3.69 -18.78 13.11
CA ASP B 68 -3.83 -19.71 14.22
C ASP B 68 -4.58 -20.94 13.74
N LEU B 69 -4.16 -22.11 14.21
CA LEU B 69 -4.84 -23.34 13.83
C LEU B 69 -6.18 -23.47 14.55
N ARG B 70 -7.19 -23.91 13.82
CA ARG B 70 -8.46 -24.24 14.44
C ARG B 70 -8.32 -25.55 15.21
N LYS B 71 -9.29 -25.79 16.10
CA LYS B 71 -9.21 -26.90 17.04
C LYS B 71 -9.02 -28.24 16.32
N GLY B 72 -9.72 -28.44 15.22
CA GLY B 72 -9.60 -29.74 14.59
C GLY B 72 -8.42 -29.94 13.66
N THR B 73 -7.55 -28.95 13.55
CA THR B 73 -6.47 -28.99 12.57
C THR B 73 -5.25 -29.65 13.21
N GLY B 74 -5.04 -30.92 12.88
CA GLY B 74 -3.94 -31.70 13.38
C GLY B 74 -2.92 -31.99 12.31
N ARG B 75 -2.13 -33.05 12.54
CA ARG B 75 -1.04 -33.35 11.61
C ARG B 75 -1.57 -33.67 10.22
N LYS B 76 -2.61 -34.49 10.12
CA LYS B 76 -3.18 -34.83 8.82
C LYS B 76 -3.68 -33.59 8.09
N GLU B 77 -4.39 -32.71 8.81
CA GLU B 77 -4.96 -31.53 8.18
C GLU B 77 -3.87 -30.56 7.74
N LEU B 78 -2.79 -30.48 8.51
CA LEU B 78 -1.68 -29.59 8.14
C LEU B 78 -0.99 -30.07 6.87
N GLY B 79 -0.91 -31.37 6.66
CA GLY B 79 -0.33 -31.88 5.43
C GLY B 79 -1.17 -31.54 4.22
N ARG B 80 -2.49 -31.73 4.33
CA ARG B 80 -3.39 -31.32 3.25
C ARG B 80 -3.28 -29.83 2.98
N LEU B 81 -3.23 -29.02 4.04
CA LEU B 81 -3.10 -27.58 3.86
C LEU B 81 -1.80 -27.22 3.19
N MET B 82 -0.68 -27.77 3.69
CA MET B 82 0.61 -27.38 3.12
C MET B 82 0.75 -27.83 1.68
N ARG B 83 0.10 -28.95 1.31
CA ARG B 83 0.11 -29.35 -0.10
C ARG B 83 -0.73 -28.41 -0.94
N LEU B 84 -1.89 -27.97 -0.43
CA LEU B 84 -2.69 -26.97 -1.13
C LEU B 84 -1.91 -25.67 -1.33
N LEU B 85 -1.31 -25.17 -0.25
CA LEU B 85 -0.63 -23.88 -0.32
C LEU B 85 0.61 -23.96 -1.20
N THR B 86 1.35 -25.06 -1.14
CA THR B 86 2.50 -25.24 -2.02
C THR B 86 2.09 -25.18 -3.48
N ASP B 87 1.02 -25.90 -3.85
CA ASP B 87 0.64 -25.93 -5.26
C ASP B 87 0.09 -24.59 -5.74
N ASP B 88 -0.61 -23.84 -4.88
CA ASP B 88 -1.02 -22.50 -5.26
C ASP B 88 0.19 -21.60 -5.50
N ALA B 89 1.18 -21.66 -4.61
CA ALA B 89 2.37 -20.85 -4.76
C ALA B 89 3.13 -21.25 -6.02
N ARG B 90 3.27 -22.56 -6.25
CA ARG B 90 3.94 -23.06 -7.44
C ARG B 90 3.33 -22.49 -8.72
N ARG B 91 1.99 -22.37 -8.75
CA ARG B 91 1.31 -21.80 -9.90
C ARG B 91 1.42 -20.28 -9.94
N LEU B 92 1.01 -19.61 -8.85
CA LEU B 92 0.90 -18.15 -8.87
C LEU B 92 2.25 -17.48 -9.06
N THR B 93 3.32 -18.04 -8.47
CA THR B 93 4.63 -17.39 -8.62
C THR B 93 5.12 -17.40 -10.06
N GLN B 94 4.57 -18.28 -10.89
CA GLN B 94 4.96 -18.36 -12.28
C GLN B 94 3.90 -17.76 -13.21
N GLY B 95 2.93 -17.03 -12.65
CA GLY B 95 1.92 -16.37 -13.46
C GLY B 95 0.79 -17.25 -13.94
N ARG B 96 0.56 -18.38 -13.28
CA ARG B 96 -0.58 -19.22 -13.63
C ARG B 96 -1.62 -19.16 -12.54
N PRO B 97 -2.91 -19.21 -12.89
CA PRO B 97 -3.96 -19.18 -11.87
C PRO B 97 -3.86 -20.37 -10.93
N ALA B 98 -4.22 -20.14 -9.68
CA ALA B 98 -4.26 -21.23 -8.71
C ALA B 98 -5.33 -22.24 -9.13
N LEU B 99 -5.29 -23.41 -8.49
CA LEU B 99 -6.36 -24.39 -8.66
C LEU B 99 -7.67 -23.82 -8.12
N ALA B 100 -8.72 -23.86 -8.94
CA ALA B 100 -10.01 -23.27 -8.60
C ALA B 100 -9.84 -21.80 -8.20
N ASP B 101 -9.19 -21.05 -9.07
CA ASP B 101 -8.95 -19.65 -8.83
C ASP B 101 -10.21 -18.85 -9.17
N PRO B 102 -10.78 -18.11 -8.22
CA PRO B 102 -11.99 -17.32 -8.53
C PRO B 102 -11.74 -16.11 -9.40
N GLU B 103 -10.51 -15.60 -9.47
CA GLU B 103 -10.19 -14.43 -10.29
C GLU B 103 -8.91 -14.71 -11.07
N PRO B 104 -8.97 -15.63 -12.04
CA PRO B 104 -7.73 -16.07 -12.71
C PRO B 104 -7.02 -14.98 -13.48
N ASP B 105 -7.75 -13.97 -13.96
CA ASP B 105 -7.11 -12.91 -14.72
C ASP B 105 -6.20 -12.03 -13.88
N LEU B 106 -6.25 -12.16 -12.55
CA LEU B 106 -5.34 -11.40 -11.71
C LEU B 106 -4.02 -12.13 -11.47
N ALA B 107 -3.84 -13.33 -12.03
CA ALA B 107 -2.66 -14.16 -11.78
C ALA B 107 -1.52 -13.92 -12.78
N PRO B 108 -1.77 -13.60 -14.05
CA PRO B 108 -0.67 -13.12 -14.89
C PRO B 108 -0.06 -11.86 -14.29
N LEU B 109 1.10 -11.49 -14.78
CA LEU B 109 1.90 -10.41 -14.21
C LEU B 109 2.37 -10.76 -12.80
N PRO B 110 3.10 -11.87 -12.64
CA PRO B 110 3.53 -12.27 -11.29
C PRO B 110 4.46 -11.29 -10.61
N SER B 111 5.22 -10.48 -11.36
CA SER B 111 6.00 -9.38 -10.77
C SER B 111 6.87 -9.85 -9.60
N ARG B 112 7.59 -10.96 -9.80
CA ARG B 112 8.55 -11.48 -8.81
C ARG B 112 7.87 -11.88 -7.49
N LEU B 113 6.64 -12.36 -7.59
CA LEU B 113 5.93 -12.90 -6.43
C LEU B 113 6.71 -14.04 -5.78
N THR B 114 6.84 -14.00 -4.46
CA THR B 114 7.39 -15.12 -3.68
C THR B 114 6.50 -15.38 -2.47
N PHE B 115 6.47 -16.65 -2.07
CA PHE B 115 5.85 -17.11 -0.83
C PHE B 115 6.91 -17.68 0.09
N THR B 116 6.80 -17.38 1.38
CA THR B 116 7.67 -17.97 2.39
C THR B 116 6.77 -18.46 3.52
N PHE B 117 6.81 -19.74 3.83
CA PHE B 117 5.97 -20.32 4.87
C PHE B 117 6.77 -20.56 6.14
N GLY B 118 6.16 -20.28 7.30
CA GLY B 118 6.85 -20.45 8.56
C GLY B 118 5.93 -21.11 9.59
N PHE B 119 6.55 -21.84 10.51
CA PHE B 119 5.84 -22.60 11.53
C PHE B 119 6.16 -22.00 12.90
N GLY B 120 5.11 -21.60 13.62
CA GLY B 120 5.29 -21.09 14.97
C GLY B 120 5.35 -22.19 16.00
N PRO B 121 5.73 -21.82 17.22
CA PRO B 121 5.86 -22.82 18.29
C PRO B 121 4.62 -23.66 18.52
N GLY B 122 3.43 -23.06 18.45
CA GLY B 122 2.21 -23.81 18.70
C GLY B 122 1.88 -24.86 17.66
N LEU B 123 2.46 -24.74 16.46
CA LEU B 123 2.22 -25.71 15.40
C LEU B 123 2.64 -27.12 15.82
N PHE B 124 3.80 -27.23 16.49
CA PHE B 124 4.35 -28.54 16.79
C PHE B 124 3.51 -29.28 17.82
N LYS B 125 2.89 -28.55 18.75
CA LYS B 125 1.94 -29.16 19.67
C LYS B 125 0.77 -29.78 18.90
N ALA B 126 0.15 -29.00 18.01
CA ALA B 126 -1.01 -29.49 17.28
C ALA B 126 -0.67 -30.67 16.39
N ALA B 127 0.57 -30.74 15.90
CA ALA B 127 0.95 -31.85 15.03
C ALA B 127 1.39 -33.09 15.79
N GLY B 128 1.51 -33.02 17.12
CA GLY B 128 2.06 -34.13 17.87
C GLY B 128 3.54 -34.32 17.68
N LEU B 129 4.26 -33.25 17.35
CA LEU B 129 5.68 -33.31 16.98
C LEU B 129 6.49 -32.35 17.83
N GLU B 130 6.29 -32.37 19.15
CA GLU B 130 7.07 -31.48 20.01
C GLU B 130 8.56 -31.78 19.92
N LYS B 131 8.91 -33.06 19.75
CA LYS B 131 10.31 -33.44 19.67
C LYS B 131 11.04 -32.74 18.53
N GLN B 132 10.32 -32.33 17.49
CA GLN B 132 10.93 -31.70 16.32
C GLN B 132 10.97 -30.19 16.42
N ARG B 133 10.41 -29.60 17.46
CA ARG B 133 10.51 -28.15 17.61
C ARG B 133 11.93 -27.75 18.00
N PRO B 134 12.58 -26.87 17.25
CA PRO B 134 13.90 -26.40 17.67
C PRO B 134 13.83 -25.79 19.06
N GLU B 135 14.88 -26.05 19.85
CA GLU B 135 14.94 -25.50 21.20
C GLU B 135 14.73 -23.99 21.19
N GLY B 136 15.35 -23.30 20.24
CA GLY B 136 15.28 -21.85 20.14
C GLY B 136 14.01 -21.30 19.52
N LEU B 137 13.06 -22.14 19.11
CA LEU B 137 11.81 -21.64 18.56
C LEU B 137 10.82 -21.44 19.70
N ARG B 138 10.78 -20.21 20.21
CA ARG B 138 9.89 -19.83 21.30
C ARG B 138 9.71 -18.33 21.26
N PRO B 139 8.61 -17.81 21.82
CA PRO B 139 8.43 -16.35 21.84
C PRO B 139 9.62 -15.68 22.50
N LEU B 140 9.96 -14.49 22.02
CA LEU B 140 11.10 -13.79 22.56
C LEU B 140 10.89 -13.46 24.03
N PRO B 141 11.95 -13.43 24.84
CA PRO B 141 11.82 -12.99 26.22
C PRO B 141 11.38 -11.54 26.26
N PRO B 142 10.87 -11.07 27.40
CA PRO B 142 10.43 -9.67 27.48
C PRO B 142 11.62 -8.72 27.51
N PHE B 143 11.45 -7.56 26.88
CA PHE B 143 12.43 -6.49 26.91
C PHE B 143 11.77 -5.23 27.45
N LYS B 144 12.56 -4.39 28.13
CA LYS B 144 12.02 -3.21 28.81
C LYS B 144 11.26 -2.29 27.87
N VAL B 145 11.70 -2.18 26.62
CA VAL B 145 11.04 -1.29 25.67
C VAL B 145 9.72 -1.83 25.14
N ASP B 146 9.43 -3.12 25.34
CA ASP B 146 8.23 -3.75 24.77
C ASP B 146 6.95 -3.07 25.22
N ARG B 147 6.07 -2.80 24.25
CA ARG B 147 4.67 -2.51 24.49
C ARG B 147 3.82 -3.41 23.58
N LEU B 148 4.03 -4.72 23.73
CA LEU B 148 3.52 -5.69 22.77
C LEU B 148 2.01 -5.84 22.88
N GLU B 149 1.36 -5.98 21.72
CA GLU B 149 -0.08 -6.20 21.64
C GLU B 149 -0.35 -7.59 21.07
N ASP B 150 -1.34 -8.27 21.65
CA ASP B 150 -1.69 -9.61 21.17
C ASP B 150 -2.08 -9.61 19.70
N ARG B 151 -2.73 -8.54 19.22
CA ARG B 151 -3.22 -8.52 17.85
C ARG B 151 -2.09 -8.41 16.82
N TRP B 152 -0.85 -8.22 17.27
CA TRP B 152 0.32 -8.15 16.38
C TRP B 152 1.38 -9.19 16.75
N SER B 153 1.04 -10.17 17.59
CA SER B 153 2.04 -11.07 18.15
C SER B 153 1.64 -12.52 17.93
N GLY B 154 2.64 -13.38 18.05
CA GLY B 154 2.37 -14.81 18.01
C GLY B 154 1.90 -15.29 16.64
N GLY B 155 1.32 -16.49 16.64
CA GLY B 155 0.88 -17.10 15.40
C GLY B 155 1.43 -18.50 15.24
N ASP B 156 0.59 -19.43 14.78
CA ASP B 156 1.01 -20.81 14.56
C ASP B 156 1.61 -21.03 13.18
N LEU B 157 1.17 -20.26 12.19
CA LEU B 157 1.55 -20.46 10.80
C LEU B 157 1.72 -19.12 10.13
N LEU B 158 2.86 -18.91 9.47
CA LEU B 158 3.14 -17.68 8.75
C LEU B 158 3.06 -17.93 7.25
N VAL B 159 2.39 -17.04 6.52
CA VAL B 159 2.55 -16.95 5.08
C VAL B 159 3.09 -15.56 4.78
N GLN B 160 4.35 -15.49 4.36
CA GLN B 160 4.97 -14.23 3.95
C GLN B 160 4.89 -14.15 2.44
N ILE B 161 4.16 -13.15 1.93
CA ILE B 161 4.00 -12.97 0.49
C ILE B 161 4.64 -11.65 0.11
N CYS B 162 5.59 -11.68 -0.84
CA CYS B 162 6.25 -10.48 -1.33
C CYS B 162 6.09 -10.37 -2.84
N CYS B 163 6.03 -9.13 -3.34
CA CYS B 163 5.71 -8.93 -4.76
C CYS B 163 6.09 -7.51 -5.15
N ASP B 164 6.50 -7.33 -6.40
CA ASP B 164 6.72 -5.97 -6.87
C ASP B 164 5.42 -5.22 -7.20
N ASP B 165 4.28 -5.90 -7.27
CA ASP B 165 3.00 -5.31 -7.68
C ASP B 165 1.94 -5.54 -6.62
N PRO B 166 1.20 -4.50 -6.21
CA PRO B 166 0.19 -4.71 -5.15
C PRO B 166 -1.09 -5.41 -5.60
N ILE B 167 -1.44 -5.38 -6.89
CA ILE B 167 -2.63 -6.10 -7.33
C ILE B 167 -2.36 -7.60 -7.36
N THR B 168 -1.21 -7.99 -7.90
CA THR B 168 -0.80 -9.40 -7.84
C THR B 168 -0.71 -9.89 -6.40
N LEU B 169 -0.18 -9.05 -5.51
CA LEU B 169 -0.09 -9.40 -4.10
C LEU B 169 -1.47 -9.60 -3.50
N ALA B 170 -2.39 -8.67 -3.78
CA ALA B 170 -3.75 -8.78 -3.23
C ALA B 170 -4.41 -10.08 -3.65
N HIS B 171 -4.25 -10.45 -4.91
CA HIS B 171 -4.83 -11.69 -5.38
C HIS B 171 -4.18 -12.90 -4.71
N ALA B 172 -2.85 -12.87 -4.55
CA ALA B 172 -2.17 -14.00 -3.93
C ALA B 172 -2.61 -14.17 -2.48
N LEU B 173 -2.80 -13.05 -1.77
CA LEU B 173 -3.28 -13.10 -0.39
C LEU B 173 -4.67 -13.73 -0.34
N ARG B 174 -5.56 -13.32 -1.24
CA ARG B 174 -6.91 -13.89 -1.26
C ARG B 174 -6.89 -15.38 -1.55
N MET B 175 -6.01 -15.84 -2.45
CA MET B 175 -5.93 -17.27 -2.75
C MET B 175 -5.40 -18.05 -1.55
N THR B 176 -4.44 -17.46 -0.84
CA THR B 176 -3.92 -18.09 0.38
C THR B 176 -5.02 -18.27 1.40
N VAL B 177 -5.78 -17.20 1.63
CA VAL B 177 -6.84 -17.24 2.62
C VAL B 177 -7.93 -18.22 2.17
N LYS B 178 -8.26 -18.22 0.88
CA LYS B 178 -9.28 -19.14 0.38
C LYS B 178 -8.98 -20.58 0.77
N ASP B 179 -7.70 -20.97 0.71
CA ASP B 179 -7.34 -22.35 0.99
C ASP B 179 -7.02 -22.60 2.45
N ALA B 180 -6.65 -21.59 3.23
CA ALA B 180 -6.35 -21.76 4.64
C ALA B 180 -7.57 -21.60 5.54
N ARG B 181 -8.62 -20.92 5.05
CA ARG B 181 -9.76 -20.52 5.89
C ARG B 181 -10.42 -21.71 6.61
N ALA B 182 -10.42 -22.89 5.98
CA ALA B 182 -11.10 -24.03 6.57
C ALA B 182 -10.38 -24.55 7.79
N PHE B 183 -9.06 -24.34 7.84
CA PHE B 183 -8.20 -24.93 8.87
C PHE B 183 -7.73 -23.94 9.91
N THR B 184 -7.85 -22.64 9.66
CA THR B 184 -7.19 -21.62 10.46
C THR B 184 -8.08 -20.42 10.69
N ARG B 185 -7.70 -19.62 11.66
CA ARG B 185 -8.21 -18.28 11.83
C ARG B 185 -7.08 -17.29 11.56
N VAL B 186 -7.45 -16.13 11.04
CA VAL B 186 -6.48 -15.06 10.79
C VAL B 186 -6.20 -14.36 12.10
N ARG B 187 -4.93 -14.42 12.54
CA ARG B 187 -4.56 -13.73 13.76
C ARG B 187 -4.12 -12.29 13.49
N TRP B 188 -3.37 -12.06 12.42
CA TRP B 188 -3.07 -10.71 11.98
C TRP B 188 -2.67 -10.73 10.52
N VAL B 189 -2.75 -9.56 9.90
CA VAL B 189 -2.24 -9.33 8.55
C VAL B 189 -1.45 -8.04 8.60
N GLN B 190 -0.16 -8.10 8.27
CA GLN B 190 0.71 -6.93 8.35
C GLN B 190 1.25 -6.62 6.96
N ARG B 191 0.85 -5.48 6.40
CA ARG B 191 1.27 -5.10 5.06
C ARG B 191 2.35 -4.04 5.15
N GLY B 192 3.34 -4.15 4.27
CA GLY B 192 4.40 -3.17 4.22
C GLY B 192 4.89 -2.91 2.81
N PHE B 193 5.72 -1.87 2.70
CA PHE B 193 6.21 -1.45 1.40
C PHE B 193 7.65 -0.97 1.50
N ARG B 194 8.29 -0.99 0.34
CA ARG B 194 9.62 -0.39 0.13
C ARG B 194 9.45 0.54 -1.07
N ARG B 195 10.55 0.92 -1.73
CA ARG B 195 10.41 1.73 -2.93
C ARG B 195 9.74 0.93 -4.04
N SER B 196 8.99 1.64 -4.90
CA SER B 196 8.41 0.98 -6.07
C SER B 196 9.53 0.42 -6.95
N PRO B 197 9.24 -0.62 -7.73
CA PRO B 197 10.26 -1.16 -8.63
C PRO B 197 10.73 -0.09 -9.61
N GLY B 198 12.04 -0.06 -9.87
CA GLY B 198 12.62 0.88 -10.79
C GLY B 198 12.83 2.29 -10.27
N VAL B 199 12.46 2.58 -9.02
CA VAL B 199 12.61 3.93 -8.50
C VAL B 199 14.07 4.22 -8.16
N GLN B 200 14.75 3.28 -7.50
CA GLN B 200 16.19 3.31 -7.28
C GLN B 200 16.84 2.15 -8.02
N SER B 201 18.12 2.32 -8.35
CA SER B 201 18.89 1.20 -8.86
C SER B 201 18.88 0.04 -7.88
N SER B 202 18.91 -1.17 -8.41
CA SER B 202 18.88 -2.36 -7.57
C SER B 202 20.12 -2.42 -6.68
N GLY B 203 19.97 -3.01 -5.51
CA GLY B 203 21.08 -3.15 -4.59
C GLY B 203 21.36 -1.90 -3.78
N ALA B 204 21.00 -0.73 -4.31
CA ALA B 204 21.17 0.50 -3.55
C ALA B 204 20.33 0.45 -2.29
N THR B 205 20.90 0.91 -1.19
CA THR B 205 20.19 0.96 0.08
C THR B 205 19.03 1.94 0.00
N GLN B 206 17.92 1.57 0.62
CA GLN B 206 16.71 2.40 0.62
C GLN B 206 16.46 2.97 2.01
N ARG B 207 15.64 4.01 2.06
CA ARG B 207 15.37 4.71 3.31
C ARG B 207 14.12 4.19 4.00
N ASN B 208 14.09 4.35 5.32
CA ASN B 208 12.89 4.05 6.07
C ASN B 208 12.11 5.35 6.29
N LEU B 209 11.01 5.26 7.05
CA LEU B 209 10.11 6.40 7.22
C LEU B 209 10.62 7.40 8.25
N MET B 210 11.75 7.13 8.87
CA MET B 210 12.49 8.16 9.61
C MET B 210 13.51 8.86 8.73
N GLY B 211 13.54 8.55 7.42
CA GLY B 211 14.50 9.14 6.50
C GLY B 211 15.87 8.51 6.49
N GLN B 212 16.09 7.44 7.26
CA GLN B 212 17.42 6.85 7.39
C GLN B 212 17.65 5.77 6.34
N LEU B 213 18.85 5.76 5.77
CA LEU B 213 19.26 4.58 5.00
C LEU B 213 19.27 3.37 5.93
N ASP B 214 18.63 2.29 5.49
CA ASP B 214 18.32 1.16 6.36
C ASP B 214 18.66 -0.12 5.59
N GLY B 215 19.71 -0.84 6.04
CA GLY B 215 20.13 -2.07 5.41
C GLY B 215 21.59 -2.12 4.98
N THR B 216 22.38 -1.11 5.36
CA THR B 216 23.77 -1.03 4.91
C THR B 216 24.59 -2.26 5.33
N VAL B 217 24.54 -2.63 6.59
CA VAL B 217 25.34 -3.74 7.11
C VAL B 217 24.45 -4.97 7.18
N ASN B 218 24.63 -5.89 6.22
CA ASN B 218 23.76 -7.04 6.03
C ASN B 218 24.54 -8.15 5.36
N PRO B 219 24.30 -9.41 5.68
CA PRO B 219 24.86 -10.50 4.86
C PRO B 219 24.38 -10.37 3.42
N VAL B 220 25.28 -10.62 2.48
CA VAL B 220 25.02 -10.46 1.05
C VAL B 220 24.62 -11.82 0.50
N PRO B 221 23.46 -11.96 -0.14
CA PRO B 221 23.09 -13.24 -0.73
C PRO B 221 24.14 -13.73 -1.72
N GLY B 222 24.34 -15.04 -1.73
CA GLY B 222 25.33 -15.63 -2.59
C GLY B 222 26.74 -15.64 -2.04
N THR B 223 26.92 -15.30 -0.76
CA THR B 223 28.23 -15.37 -0.12
C THR B 223 28.22 -16.43 0.97
N ALA B 224 29.43 -16.87 1.32
CA ALA B 224 29.58 -17.89 2.35
C ALA B 224 29.13 -17.38 3.71
N ASP B 225 29.37 -16.11 4.01
CA ASP B 225 28.94 -15.56 5.29
C ASP B 225 27.43 -15.49 5.39
N PHE B 226 26.74 -15.29 4.26
CA PHE B 226 25.27 -15.34 4.26
C PHE B 226 24.78 -16.73 4.62
N ASP B 227 25.31 -17.75 3.95
CA ASP B 227 24.87 -19.11 4.22
C ASP B 227 25.08 -19.48 5.69
N GLN B 228 26.25 -19.11 6.24
CA GLN B 228 26.54 -19.44 7.62
C GLN B 228 25.59 -18.72 8.57
N ALA B 229 25.27 -17.47 8.27
CA ALA B 229 24.43 -16.66 9.14
C ALA B 229 22.96 -17.01 9.06
N VAL B 230 22.48 -17.48 7.91
CA VAL B 230 21.04 -17.56 7.63
C VAL B 230 20.52 -18.99 7.69
N TRP B 231 21.20 -19.92 7.01
CA TRP B 231 20.62 -21.26 6.82
C TRP B 231 21.00 -22.19 7.96
N VAL B 232 20.01 -22.90 8.50
CA VAL B 232 20.23 -23.79 9.63
C VAL B 232 21.03 -25.02 9.19
N GLN B 233 22.01 -25.41 10.01
CA GLN B 233 22.79 -26.61 9.73
C GLN B 233 22.89 -27.55 10.93
N ASP B 234 22.41 -27.17 12.11
CA ASP B 234 22.32 -28.04 13.27
C ASP B 234 20.84 -28.32 13.58
N GLY B 235 20.60 -28.92 14.74
CA GLY B 235 19.26 -29.09 15.24
C GLY B 235 18.47 -30.16 14.51
N PRO B 236 17.14 -30.17 14.72
CA PRO B 236 16.30 -31.17 14.06
C PRO B 236 16.51 -31.18 12.55
N GLU B 237 16.51 -32.40 11.99
CA GLU B 237 16.93 -32.61 10.61
C GLU B 237 16.05 -31.85 9.63
N TRP B 238 14.74 -31.81 9.88
CA TRP B 238 13.81 -31.24 8.91
C TRP B 238 14.07 -29.76 8.67
N LEU B 239 14.74 -29.06 9.58
CA LEU B 239 14.93 -27.62 9.45
C LEU B 239 16.26 -27.27 8.78
N ARG B 240 17.11 -28.24 8.46
CA ARG B 240 18.36 -27.92 7.77
C ARG B 240 18.06 -27.40 6.37
N GLY B 241 18.71 -26.29 6.01
CA GLY B 241 18.38 -25.58 4.79
C GLY B 241 17.26 -24.58 4.95
N GLY B 242 16.65 -24.50 6.12
CA GLY B 242 15.70 -23.46 6.44
C GLY B 242 16.35 -22.37 7.29
N THR B 243 15.51 -21.56 7.91
CA THR B 243 16.01 -20.46 8.73
C THR B 243 14.96 -20.18 9.81
N THR B 244 15.21 -19.15 10.61
CA THR B 244 14.23 -18.70 11.57
C THR B 244 13.97 -17.22 11.34
N LEU B 245 12.73 -16.81 11.61
CA LEU B 245 12.32 -15.43 11.39
C LEU B 245 11.85 -14.84 12.71
N VAL B 246 12.37 -13.65 13.03
CA VAL B 246 11.82 -12.82 14.08
C VAL B 246 11.09 -11.67 13.38
N LEU B 247 9.79 -11.55 13.60
CA LEU B 247 9.01 -10.48 13.00
C LEU B 247 8.55 -9.53 14.10
N ARG B 248 9.05 -8.30 14.10
CA ARG B 248 8.65 -7.35 15.12
C ARG B 248 8.06 -6.11 14.47
N ARG B 249 6.83 -5.78 14.86
CA ARG B 249 6.18 -4.54 14.40
C ARG B 249 6.65 -3.44 15.32
N ILE B 250 7.41 -2.47 14.78
CA ILE B 250 8.02 -1.44 15.62
C ILE B 250 7.46 -0.08 15.21
N ARG B 251 6.70 0.54 16.10
CA ARG B 251 6.15 1.85 15.86
C ARG B 251 7.24 2.91 15.90
N MET B 252 7.17 3.87 14.99
CA MET B 252 8.06 5.03 15.01
C MET B 252 7.30 6.20 15.61
N GLU B 253 7.86 6.80 16.66
CA GLU B 253 7.22 7.92 17.33
C GLU B 253 7.58 9.19 16.56
N LEU B 254 6.87 9.39 15.44
CA LEU B 254 7.29 10.43 14.50
C LEU B 254 7.03 11.83 15.02
N GLU B 255 6.07 12.01 15.94
CA GLU B 255 5.90 13.31 16.58
C GLU B 255 7.15 13.70 17.38
N LYS B 256 7.65 12.78 18.21
CA LYS B 256 8.87 13.06 18.97
C LYS B 256 10.07 13.21 18.03
N TRP B 257 10.15 12.36 17.01
CA TRP B 257 11.27 12.42 16.06
C TRP B 257 11.36 13.79 15.39
N ASP B 258 10.21 14.40 15.10
CA ASP B 258 10.21 15.71 14.45
C ASP B 258 10.74 16.79 15.37
N GLU B 259 10.44 16.70 16.66
CA GLU B 259 10.93 17.68 17.62
C GLU B 259 12.39 17.48 17.97
N ALA B 260 13.01 16.41 17.50
CA ALA B 260 14.36 16.04 17.92
C ALA B 260 15.41 16.92 17.25
N ASP B 261 16.48 17.17 17.99
CA ASP B 261 17.63 17.89 17.44
C ASP B 261 18.22 17.10 16.27
N PRO B 262 18.39 17.72 15.10
CA PRO B 262 18.90 16.95 13.93
C PRO B 262 20.28 16.35 14.16
N ALA B 263 21.18 17.05 14.84
CA ALA B 263 22.45 16.45 15.22
C ALA B 263 22.23 15.27 16.16
N GLY B 264 21.27 15.40 17.08
CA GLY B 264 20.99 14.30 17.99
C GLY B 264 20.41 13.09 17.30
N LYS B 265 19.71 13.29 16.18
CA LYS B 265 19.16 12.16 15.43
C LYS B 265 20.28 11.32 14.83
N GLU B 266 21.27 11.98 14.21
CA GLU B 266 22.41 11.26 13.69
C GLU B 266 23.22 10.62 14.81
N PHE B 267 23.36 11.34 15.93
CA PHE B 267 24.12 10.83 17.06
C PHE B 267 23.47 9.57 17.63
N ALA B 268 22.14 9.53 17.66
CA ALA B 268 21.42 8.37 18.19
C ALA B 268 21.73 7.11 17.38
N VAL B 269 21.96 7.24 16.09
CA VAL B 269 22.20 6.08 15.24
C VAL B 269 23.68 5.76 15.13
N GLY B 270 24.49 6.82 14.95
CA GLY B 270 25.90 6.67 14.67
C GLY B 270 26.26 6.91 13.22
N ARG B 271 25.30 7.33 12.39
CA ARG B 271 25.52 7.57 10.97
C ARG B 271 24.86 8.88 10.56
N ARG B 272 25.38 9.49 9.50
CA ARG B 272 24.82 10.71 8.95
C ARG B 272 23.57 10.39 8.15
N LEU B 273 22.61 11.33 8.17
CA LEU B 273 21.32 11.08 7.53
C LEU B 273 21.45 11.03 6.01
N THR B 274 22.10 12.04 5.41
CA THR B 274 22.10 12.12 3.95
C THR B 274 22.98 11.04 3.31
N SER B 275 24.25 10.97 3.73
CA SER B 275 25.17 10.04 3.09
C SER B 275 24.99 8.61 3.59
N GLY B 276 24.50 8.45 4.81
CA GLY B 276 24.52 7.15 5.46
C GLY B 276 25.87 6.73 6.00
N ALA B 277 26.90 7.59 5.92
CA ALA B 277 28.21 7.22 6.38
C ALA B 277 28.22 7.17 7.91
N PRO B 278 29.05 6.31 8.49
CA PRO B 278 29.25 6.41 9.94
C PRO B 278 29.81 7.80 10.24
N LEU B 279 29.57 8.27 11.45
CA LEU B 279 30.03 9.61 11.82
C LEU B 279 31.55 9.73 11.76
N THR B 280 32.26 8.62 11.81
CA THR B 280 33.71 8.58 11.73
C THR B 280 34.23 8.54 10.30
N GLY B 281 33.35 8.47 9.31
CA GLY B 281 33.81 8.24 7.96
C GLY B 281 33.13 9.14 6.95
N ARG B 282 33.17 8.77 5.67
CA ARG B 282 32.61 9.66 4.66
C ARG B 282 31.62 9.00 3.71
N HIS B 283 31.76 7.70 3.46
CA HIS B 283 30.87 7.00 2.53
C HIS B 283 30.07 5.94 3.28
N GLU B 284 28.92 5.60 2.69
CA GLU B 284 27.97 4.71 3.34
C GLU B 284 28.62 3.42 3.83
N HIS B 285 29.42 2.79 2.98
CA HIS B 285 30.00 1.48 3.27
C HIS B 285 31.34 1.55 3.98
N ASP B 286 31.78 2.73 4.43
CA ASP B 286 32.97 2.80 5.26
C ASP B 286 32.71 2.05 6.55
N GLY B 287 33.73 1.36 7.05
CA GLY B 287 33.62 0.69 8.32
C GLY B 287 33.62 1.69 9.44
N PRO B 288 32.67 1.58 10.37
CA PRO B 288 32.65 2.49 11.53
C PRO B 288 33.88 2.29 12.40
N ASP B 289 34.44 3.39 12.89
CA ASP B 289 35.61 3.36 13.77
C ASP B 289 35.12 3.54 15.21
N PHE B 290 34.93 2.42 15.90
CA PHE B 290 34.38 2.46 17.24
C PHE B 290 35.38 2.96 18.28
N ASP B 291 36.65 3.12 17.92
CA ASP B 291 37.67 3.64 18.83
C ASP B 291 37.88 5.15 18.70
N ALA B 292 37.37 5.77 17.65
CA ALA B 292 37.57 7.20 17.44
C ALA B 292 36.88 8.03 18.51
N VAL B 293 37.57 9.06 18.99
CA VAL B 293 36.98 9.99 19.95
C VAL B 293 36.97 11.38 19.33
N ASP B 294 36.11 12.24 19.87
CA ASP B 294 35.96 13.59 19.37
C ASP B 294 36.95 14.50 20.10
N SER B 295 36.81 15.81 19.92
CA SER B 295 37.72 16.76 20.56
C SER B 295 37.62 16.74 22.08
N ALA B 296 36.47 16.34 22.63
CA ALA B 296 36.30 16.24 24.06
C ALA B 296 36.76 14.90 24.63
N GLY B 297 37.29 14.02 23.78
CA GLY B 297 37.73 12.72 24.20
C GLY B 297 36.64 11.70 24.36
N PHE B 298 35.40 12.02 23.93
CA PHE B 298 34.26 11.11 23.99
C PHE B 298 34.07 10.40 22.66
N PRO B 299 33.51 9.19 22.68
CA PRO B 299 33.37 8.42 21.43
C PRO B 299 32.58 9.19 20.38
N VAL B 300 33.11 9.20 19.15
CA VAL B 300 32.38 9.79 18.03
C VAL B 300 31.09 9.04 17.79
N ILE B 301 31.15 7.73 17.82
CA ILE B 301 29.96 6.88 17.81
C ILE B 301 29.66 6.55 19.27
N ALA B 302 28.53 7.08 19.76
CA ALA B 302 28.23 7.10 21.18
C ALA B 302 28.27 5.69 21.78
N GLU B 303 28.46 5.60 23.10
CA GLU B 303 28.47 4.28 23.72
C GLU B 303 27.12 3.59 23.58
N ASN B 304 26.04 4.36 23.52
CA ASN B 304 24.69 3.82 23.34
C ASN B 304 24.11 4.16 21.98
N ALA B 305 24.97 4.43 20.99
CA ALA B 305 24.51 4.59 19.61
C ALA B 305 23.99 3.26 19.07
N HIS B 306 22.97 3.34 18.22
CA HIS B 306 22.30 2.13 17.73
C HIS B 306 23.29 1.18 17.07
N ILE B 307 24.12 1.68 16.15
CA ILE B 307 25.00 0.77 15.41
C ILE B 307 26.13 0.22 16.27
N ARG B 308 26.49 0.88 17.38
CA ARG B 308 27.49 0.31 18.28
C ARG B 308 26.89 -0.86 19.06
N LEU B 309 25.71 -0.66 19.65
CA LEU B 309 25.09 -1.71 20.46
C LEU B 309 24.61 -2.88 19.60
N ALA B 310 24.23 -2.61 18.36
CA ALA B 310 23.74 -3.64 17.46
C ALA B 310 24.85 -4.39 16.72
N HIS B 311 26.09 -3.90 16.78
CA HIS B 311 27.16 -4.48 15.98
C HIS B 311 27.64 -5.80 16.55
N VAL B 312 27.94 -6.75 15.68
CA VAL B 312 28.63 -7.98 16.07
C VAL B 312 29.82 -8.18 15.13
N ASP B 313 30.96 -8.60 15.70
CA ASP B 313 32.20 -8.62 14.95
C ASP B 313 32.24 -9.77 13.95
N SER B 314 31.78 -10.95 14.35
CA SER B 314 31.83 -12.11 13.48
C SER B 314 30.76 -12.00 12.39
N PRO B 315 31.13 -11.94 11.12
CA PRO B 315 30.12 -11.82 10.06
C PRO B 315 29.19 -13.01 10.00
N ARG B 316 29.60 -14.17 10.50
CA ARG B 316 28.77 -15.36 10.45
C ARG B 316 27.72 -15.39 11.56
N LEU B 317 27.82 -14.51 12.55
CA LEU B 317 26.79 -14.39 13.58
C LEU B 317 25.78 -13.31 13.29
N ARG B 318 25.94 -12.57 12.19
CA ARG B 318 25.05 -11.48 11.90
C ARG B 318 23.66 -11.99 11.53
N MET B 319 22.67 -11.12 11.71
CA MET B 319 21.32 -11.39 11.27
C MET B 319 21.09 -10.75 9.91
N LEU B 320 20.21 -11.37 9.12
CA LEU B 320 19.76 -10.78 7.86
C LEU B 320 18.54 -9.93 8.15
N ARG B 321 18.66 -8.61 7.95
CA ARG B 321 17.52 -7.72 8.10
C ARG B 321 16.87 -7.49 6.75
N ARG B 322 15.57 -7.78 6.66
CA ARG B 322 14.83 -7.63 5.41
C ARG B 322 13.51 -6.94 5.73
N PRO B 323 13.57 -5.65 6.08
CA PRO B 323 12.40 -4.97 6.64
C PRO B 323 11.53 -4.34 5.58
N TYR B 324 10.29 -4.06 5.98
CA TYR B 324 9.33 -3.32 5.18
C TYR B 324 8.84 -2.14 6.03
N ASN B 325 8.40 -1.09 5.37
CA ASN B 325 7.83 0.05 6.07
C ASN B 325 6.33 -0.09 6.13
N TYR B 326 5.70 0.47 7.16
CA TYR B 326 4.24 0.50 7.20
C TYR B 326 3.74 1.90 7.55
N ASP B 327 2.55 2.21 7.05
CA ASP B 327 1.95 3.52 7.26
C ASP B 327 0.45 3.32 7.17
N GLU B 328 -0.24 3.44 8.31
CA GLU B 328 -1.66 3.09 8.38
C GLU B 328 -2.48 4.14 9.15
N GLY B 329 -2.90 5.20 8.46
CA GLY B 329 -3.99 6.00 8.97
C GLY B 329 -3.59 6.96 10.07
N LEU B 330 -4.52 7.87 10.37
CA LEU B 330 -4.20 9.11 11.06
C LEU B 330 -5.24 9.40 12.12
N THR B 331 -4.80 9.91 13.26
CA THR B 331 -5.80 10.35 14.22
C THR B 331 -6.41 11.68 13.74
N ALA B 332 -7.47 12.11 14.43
CA ALA B 332 -8.14 13.34 14.01
C ALA B 332 -7.20 14.53 14.08
N ASP B 333 -6.27 14.55 15.04
CA ASP B 333 -5.32 15.65 15.10
C ASP B 333 -4.02 15.35 14.34
N GLY B 334 -4.07 14.37 13.43
CA GLY B 334 -2.98 14.20 12.48
C GLY B 334 -1.77 13.46 12.96
N ARG B 335 -1.92 12.57 13.95
CA ARG B 335 -0.81 11.76 14.41
C ARG B 335 -0.74 10.48 13.58
N SER B 336 0.48 10.15 13.13
CA SER B 336 0.66 9.03 12.22
C SER B 336 0.70 7.71 12.98
N ASP B 337 0.39 6.64 12.26
CA ASP B 337 0.51 5.26 12.74
C ASP B 337 1.46 4.60 11.75
N ALA B 338 2.76 4.74 11.97
CA ALA B 338 3.75 4.31 10.99
C ALA B 338 4.92 3.67 11.72
N GLY B 339 5.71 2.91 10.99
CA GLY B 339 6.88 2.28 11.58
C GLY B 339 7.52 1.26 10.65
N LEU B 340 8.09 0.23 11.27
CA LEU B 340 8.92 -0.74 10.56
C LEU B 340 8.36 -2.12 10.85
N LEU B 341 8.17 -2.91 9.79
CA LEU B 341 7.98 -4.35 9.95
C LEU B 341 9.39 -4.93 9.95
N PHE B 342 9.93 -5.14 11.15
CA PHE B 342 11.31 -5.58 11.29
C PHE B 342 11.34 -7.09 11.13
N ALA B 343 11.89 -7.55 10.03
CA ALA B 343 11.97 -8.98 9.73
C ALA B 343 13.45 -9.36 9.73
N ALA B 344 13.84 -10.19 10.70
CA ALA B 344 15.23 -10.63 10.85
C ALA B 344 15.29 -12.14 10.68
N TYR B 345 16.16 -12.61 9.79
CA TYR B 345 16.32 -14.04 9.54
C TYR B 345 17.69 -14.47 10.03
N GLN B 346 17.74 -15.60 10.72
CA GLN B 346 18.99 -16.09 11.26
C GLN B 346 18.86 -17.57 11.54
N ALA B 347 20.00 -18.24 11.54
CA ALA B 347 20.02 -19.66 11.82
C ALA B 347 19.65 -19.97 13.27
N ASP B 348 20.04 -19.09 14.20
CA ASP B 348 19.91 -19.37 15.63
C ASP B 348 19.47 -18.11 16.34
N ILE B 349 18.22 -18.09 16.83
CA ILE B 349 17.69 -16.92 17.50
C ILE B 349 18.48 -16.62 18.77
N ASP B 350 18.83 -17.67 19.52
CA ASP B 350 19.53 -17.49 20.80
C ASP B 350 20.93 -16.92 20.61
N ARG B 351 21.60 -17.26 19.50
CA ARG B 351 22.96 -16.79 19.29
C ARG B 351 23.02 -15.51 18.48
N GLN B 352 22.01 -15.22 17.67
CA GLN B 352 22.13 -14.16 16.67
C GLN B 352 21.13 -13.03 16.84
N PHE B 353 19.96 -13.28 17.41
CA PHE B 353 19.03 -12.19 17.62
C PHE B 353 19.00 -11.71 19.07
N ILE B 354 18.75 -12.62 20.01
CA ILE B 354 18.57 -12.23 21.40
C ILE B 354 19.75 -11.43 21.95
N PRO B 355 21.01 -11.82 21.72
CA PRO B 355 22.10 -11.02 22.33
C PRO B 355 22.16 -9.60 21.81
N VAL B 356 21.82 -9.40 20.54
CA VAL B 356 21.76 -8.04 19.99
C VAL B 356 20.60 -7.27 20.61
N GLN B 357 19.41 -7.87 20.60
CA GLN B 357 18.25 -7.17 21.15
C GLN B 357 18.43 -6.88 22.64
N ARG B 358 19.14 -7.76 23.35
CA ARG B 358 19.41 -7.52 24.77
C ARG B 358 20.39 -6.37 24.95
N ARG B 359 21.42 -6.28 24.09
CA ARG B 359 22.37 -5.16 24.20
C ARG B 359 21.68 -3.83 23.91
N LEU B 360 20.78 -3.81 22.91
CA LEU B 360 20.01 -2.60 22.65
C LEU B 360 19.21 -2.19 23.89
N ASP B 361 18.62 -3.17 24.58
CA ASP B 361 17.73 -2.88 25.70
C ASP B 361 18.51 -2.47 26.95
N GLU B 362 19.45 -3.31 27.38
CA GLU B 362 20.22 -3.00 28.59
C GLU B 362 21.19 -1.85 28.35
N GLY B 363 21.70 -1.71 27.12
CA GLY B 363 22.62 -0.64 26.81
C GLY B 363 21.96 0.72 26.65
N GLY B 364 20.63 0.77 26.62
CA GLY B 364 19.93 2.04 26.53
C GLY B 364 20.14 2.73 25.19
N ASP B 365 19.98 1.97 24.11
CA ASP B 365 20.00 2.49 22.75
C ASP B 365 19.28 3.83 22.66
N LEU B 366 19.98 4.85 22.17
CA LEU B 366 19.36 6.16 22.02
C LEU B 366 18.14 6.11 21.11
N LEU B 367 18.13 5.19 20.14
CA LEU B 367 17.00 5.10 19.22
C LEU B 367 15.72 4.65 19.92
N ASN B 368 15.82 4.08 21.13
CA ASN B 368 14.62 3.66 21.86
C ASN B 368 13.74 4.83 22.26
N LEU B 369 14.26 6.05 22.27
CA LEU B 369 13.42 7.20 22.56
C LEU B 369 12.35 7.41 21.50
N TRP B 370 12.55 6.90 20.29
CA TRP B 370 11.64 7.17 19.18
C TRP B 370 11.05 5.92 18.55
N THR B 371 11.31 4.73 19.10
CA THR B 371 10.77 3.51 18.52
C THR B 371 10.19 2.64 19.63
N THR B 372 9.10 1.93 19.32
CA THR B 372 8.39 1.11 20.29
C THR B 372 7.96 -0.22 19.69
N PRO B 373 8.46 -1.36 20.17
CA PRO B 373 7.95 -2.65 19.67
C PRO B 373 6.51 -2.86 20.14
N ILE B 374 5.60 -3.06 19.19
CA ILE B 374 4.20 -3.31 19.53
C ILE B 374 3.73 -4.69 19.07
N GLY B 375 4.57 -5.47 18.41
CA GLY B 375 4.21 -6.83 18.06
C GLY B 375 5.47 -7.65 17.93
N SER B 376 5.34 -8.95 18.21
CA SER B 376 6.50 -9.84 18.10
C SER B 376 6.02 -11.25 17.78
N ALA B 377 6.66 -11.91 16.82
CA ALA B 377 6.31 -13.27 16.45
C ALA B 377 7.57 -13.98 15.95
N VAL B 378 7.65 -15.29 16.18
CA VAL B 378 8.81 -16.09 15.78
C VAL B 378 8.32 -17.29 14.97
N PHE B 379 9.06 -17.62 13.91
CA PHE B 379 8.69 -18.73 13.06
C PHE B 379 9.93 -19.49 12.59
N ALA B 380 9.79 -20.81 12.52
CA ALA B 380 10.76 -21.68 11.86
C ALA B 380 10.36 -21.82 10.40
N ILE B 381 11.27 -21.48 9.50
CA ILE B 381 10.98 -21.48 8.06
C ILE B 381 11.64 -22.72 7.46
N PRO B 382 10.85 -23.69 6.97
CA PRO B 382 11.43 -24.95 6.47
C PRO B 382 12.30 -24.73 5.24
N PRO B 383 13.06 -25.74 4.86
CA PRO B 383 13.77 -25.69 3.58
C PRO B 383 12.80 -25.68 2.41
N GLY B 384 13.35 -25.44 1.24
CA GLY B 384 12.57 -25.41 0.03
C GLY B 384 12.15 -26.79 -0.40
N CYS B 385 11.44 -26.84 -1.52
CA CYS B 385 11.02 -28.12 -2.05
C CYS B 385 11.28 -28.17 -3.56
N ASP B 386 11.06 -29.35 -4.12
CA ASP B 386 11.21 -29.60 -5.54
C ASP B 386 9.84 -29.73 -6.20
N GLU B 387 9.85 -30.03 -7.50
CA GLU B 387 8.63 -30.06 -8.30
C GLU B 387 7.64 -31.13 -7.89
N ASN B 388 8.03 -32.07 -7.02
CA ASN B 388 7.10 -33.08 -6.54
C ASN B 388 6.85 -33.02 -5.04
N GLY B 389 7.65 -32.26 -4.28
CA GLY B 389 7.46 -32.17 -2.84
C GLY B 389 6.53 -31.04 -2.46
N TRP B 390 6.44 -30.81 -1.16
CA TRP B 390 5.70 -29.67 -0.65
C TRP B 390 6.42 -29.11 0.56
N ILE B 391 6.17 -27.83 0.83
CA ILE B 391 6.87 -27.14 1.90
C ILE B 391 6.44 -27.75 3.24
N GLY B 392 7.43 -28.15 4.03
CA GLY B 392 7.19 -28.79 5.30
C GLY B 392 7.11 -30.30 5.25
N GLN B 393 7.33 -30.91 4.09
CA GLN B 393 7.11 -32.35 3.95
C GLN B 393 8.02 -33.14 4.87
N GLY B 394 9.25 -32.67 5.08
CA GLY B 394 10.18 -33.37 5.94
C GLY B 394 9.73 -33.40 7.40
N LEU B 395 8.82 -32.51 7.78
CA LEU B 395 8.27 -32.47 9.12
C LEU B 395 6.90 -33.12 9.20
N LEU B 396 6.00 -32.75 8.30
CA LEU B 396 4.61 -33.19 8.35
C LEU B 396 4.34 -34.45 7.54
N GLY B 397 5.29 -34.88 6.71
CA GLY B 397 5.13 -36.08 5.92
C GLY B 397 5.28 -37.32 6.77
CHA HEM C . -17.84 0.99 -16.99
CHB HEM C . -16.86 -1.65 -13.05
CHC HEM C . -19.01 1.66 -10.23
CHD HEM C . -19.79 4.43 -14.15
C1A HEM C . -17.40 -0.03 -16.18
C2A HEM C . -16.78 -1.28 -16.62
C3A HEM C . -16.52 -2.00 -15.54
C4A HEM C . -16.96 -1.25 -14.37
CMA HEM C . -15.85 -3.39 -15.51
CAA HEM C . -16.48 -1.67 -18.09
CBA HEM C . -15.12 -1.18 -18.62
CGA HEM C . -14.97 0.32 -18.64
O1A HEM C . -14.37 0.87 -17.68
O2A HEM C . -15.43 0.96 -19.61
C1B HEM C . -17.33 -0.97 -11.94
C2B HEM C . -17.21 -1.42 -10.56
C3B HEM C . -17.83 -0.52 -9.78
C4B HEM C . -18.34 0.53 -10.63
CMB HEM C . -16.50 -2.73 -10.17
CAB HEM C . -17.95 -0.47 -8.24
CBB HEM C . -17.14 -1.13 -7.40
C1C HEM C . -19.45 2.65 -11.08
C2C HEM C . -20.21 3.78 -10.64
C3C HEM C . -20.45 4.57 -11.67
C4C HEM C . -19.83 3.96 -12.87
CMC HEM C . -20.67 4.04 -9.19
CAC HEM C . -21.27 5.86 -11.48
CBC HEM C . -21.49 6.72 -12.46
C1D HEM C . -19.27 3.76 -15.25
C2D HEM C . -19.24 4.27 -16.60
C3D HEM C . -18.71 3.32 -17.39
C4D HEM C . -18.39 2.18 -16.56
CMD HEM C . -19.76 5.65 -17.03
CAD HEM C . -18.50 3.38 -18.92
CBD HEM C . -19.78 2.79 -19.56
CGD HEM C . -19.81 2.86 -21.06
O1D HEM C . -20.21 3.92 -21.61
O2D HEM C . -19.45 1.86 -21.73
NA HEM C . -17.51 -0.06 -14.81
NB HEM C . -18.02 0.25 -11.94
NC HEM C . -19.24 2.78 -12.45
ND HEM C . -18.73 2.49 -15.25
FE HEM C . -18.48 1.29 -13.62
CHA HEM D . 21.55 -0.82 11.76
CHB HEM D . 17.44 1.74 12.07
CHC HEM D . 15.54 -1.62 14.97
CHD HEM D . 19.50 -4.33 14.41
C1A HEM D . 20.61 0.17 11.63
C2A HEM D . 20.82 1.40 10.89
C3A HEM D . 19.69 2.10 10.97
C4A HEM D . 18.72 1.34 11.75
CMA HEM D . 19.42 3.48 10.35
CAA HEM D . 22.13 1.79 10.18
CBA HEM D . 22.17 1.40 8.71
CGA HEM D . 22.22 -0.10 8.54
O1A HEM D . 21.15 -0.67 8.22
O2A HEM D . 23.30 -0.70 8.70
C1B HEM D . 16.57 1.02 12.85
C2B HEM D . 15.22 1.42 13.15
C3B HEM D . 14.69 0.50 13.98
C4B HEM D . 15.69 -0.52 14.19
CMB HEM D . 14.59 2.72 12.58
CAB HEM D . 13.26 0.41 14.56
CBB HEM D . 12.24 1.04 13.99
C1C HEM D . 16.47 -2.61 15.10
C2C HEM D . 16.31 -3.76 15.97
C3C HEM D . 17.39 -4.52 15.83
C4C HEM D . 18.29 -3.88 14.88
CMC HEM D . 15.10 -4.04 16.88
CAC HEM D . 17.51 -5.84 16.64
CBC HEM D . 18.47 -6.71 16.39
C1D HEM D . 20.39 -3.62 13.63
C2D HEM D . 21.67 -4.10 13.16
C3D HEM D . 22.25 -3.14 12.43
C4D HEM D . 21.33 -2.01 12.40
CMD HEM D . 22.23 -5.51 13.48
CAD HEM D . 23.65 -3.16 11.73
CBD HEM D . 24.61 -2.53 12.73
CGD HEM D . 26.06 -2.69 12.32
O1D HEM D . 26.63 -3.78 12.54
O2D HEM D . 26.63 -1.69 11.80
NA HEM D . 19.33 0.17 12.13
NB HEM D . 16.85 -0.17 13.52
NC HEM D . 17.69 -2.71 14.45
ND HEM D . 20.20 -2.34 13.13
FE HEM D . 18.58 -1.23 13.37
#